data_8FNO
#
_entry.id   8FNO
#
loop_
_entity.id
_entity.type
_entity.pdbx_description
1 polymer 'Lamina-associated polypeptide 2, isoforms beta/gamma,Integrase'
2 polymer 'DNA (27-MER)'
3 polymer 'DNA (25-MER)'
4 non-polymer 'MAGNESIUM ION'
5 non-polymer 'ZINC ION'
6 non-polymer "(4R,12aS)-N-(2,4-difluorobenzyl)-7-hydroxy-4-methyl-6,8-dioxo-3,4,6,8,12,12a-hexahydro-2H-pyrido[1',2':4,5]pyrazino[2,1-b][1,3]oxazine-9-carboxamide"
7 water water
#
loop_
_entity_poly.entity_id
_entity_poly.type
_entity_poly.pdbx_seq_one_letter_code
_entity_poly.pdbx_strand_id
1 'polypeptide(L)'
;GSHMPKRGRPAATEVKIPKPRGRPPLPAGTNSKGPPDFSSDEEREPTPVLGSGAAAAGQSRAAVGRKATKKTDGGGFLDG
IDKAQEEHEKYHSNWRAMASDFNLPPVVAKEIVASCDKCQLKGEAMHGQVDCSPGIWQLDCTHLEGKVILVAVHVASGYI
EAEVIPAETGQETAYFLLKLAGRWPVKTVHTDNGSNFTSTTVKAACWWAGIKQKFAIPYNPQSRGVIESMNKELKKIIGQ
VRDQAEHLKTAVQMAVFIHNFKRKGGIGGYSAGERIVDIIATDIQTKELQKQITKIQNFRVYYRDSRDPVWKGPAKLLWK
GEGAVVIQDNSDIKVVPRRKAKIIRDYGKQMAGDDCVASRQDED
;
A,B,C,D,G,H,I,J
2 'polydeoxyribonucleotide'
;(DA)(DC)(DT)(DG)(DC)(DT)(DA)(DG)(DA)(DG)(DA)(DT)(DT)(DT)(DT)(DC)(DC)(DC)(DG)(DC)
(DC)(DC)(DA)(DC)(DG)(DC)(DT)
;
E,K
3 'polydeoxyribonucleotide'
;(DA)(DG)(DC)(DG)(DT)(DG)(DG)(DG)(DC)(DG)(DG)(DG)(DA)(DA)(DA)(DA)(DT)(DC)(DT)(DC)
(DT)(DA)(DG)(DC)(DA)
;
F,L
#
loop_
_chem_comp.id
_chem_comp.type
_chem_comp.name
_chem_comp.formula
DA DNA linking 2'-DEOXYADENOSINE-5'-MONOPHOSPHATE 'C10 H14 N5 O6 P'
DC DNA linking 2'-DEOXYCYTIDINE-5'-MONOPHOSPHATE 'C9 H14 N3 O7 P'
DG DNA linking 2'-DEOXYGUANOSINE-5'-MONOPHOSPHATE 'C10 H14 N5 O7 P'
DLU non-polymer (4R,12aS)-N-(2,4-difluorobenzyl)-7-hydroxy-4-methyl-6,8-dioxo-3,4,6,8,12,12a-hexahydro-2H-pyrido[1',2':4,5]pyrazino[2,1-b][1,3]oxazine-9-carboxamide 'C20 H19 F2 N3 O5'
DT DNA linking THYMIDINE-5'-MONOPHOSPHATE 'C10 H15 N2 O8 P'
MG non-polymer 'MAGNESIUM ION' 'Mg 2'
ZN non-polymer 'ZINC ION' 'Zn 2'
#
# COMPACT_ATOMS: atom_id res chain seq x y z
N PHE A 77 -40.26 8.79 -5.30
CA PHE A 77 -39.10 9.65 -5.15
C PHE A 77 -39.06 10.74 -6.20
N LEU A 78 -40.14 10.87 -6.98
CA LEU A 78 -40.16 11.85 -8.06
C LEU A 78 -39.81 13.25 -7.57
N ASP A 79 -40.44 13.70 -6.48
CA ASP A 79 -40.08 15.00 -5.91
C ASP A 79 -38.64 15.00 -5.42
N GLY A 80 -38.23 13.95 -4.73
CA GLY A 80 -36.89 13.90 -4.16
C GLY A 80 -35.81 13.86 -5.22
N ILE A 81 -36.10 13.23 -6.37
CA ILE A 81 -35.08 13.08 -7.39
C ILE A 81 -34.82 14.42 -8.08
N ASP A 82 -35.87 15.21 -8.28
CA ASP A 82 -35.69 16.50 -8.94
C ASP A 82 -34.95 17.49 -8.05
N LYS A 83 -35.18 17.43 -6.74
CA LYS A 83 -34.48 18.32 -5.83
C LYS A 83 -33.02 17.91 -5.69
N ALA A 84 -32.73 16.63 -5.85
CA ALA A 84 -31.36 16.15 -5.63
C ALA A 84 -30.47 16.47 -6.82
N GLN A 85 -31.02 16.46 -8.03
CA GLN A 85 -30.26 16.86 -9.21
C GLN A 85 -30.01 18.36 -9.23
N GLU A 86 -31.02 19.14 -8.83
CA GLU A 86 -30.81 20.57 -8.69
C GLU A 86 -29.71 20.87 -7.68
N GLU A 87 -29.69 20.12 -6.59
CA GLU A 87 -28.70 20.35 -5.56
C GLU A 87 -27.33 19.83 -5.98
N HIS A 88 -27.28 18.75 -6.75
CA HIS A 88 -26.01 18.21 -7.20
C HIS A 88 -25.34 19.11 -8.25
N GLU A 89 -26.11 19.84 -9.04
CA GLU A 89 -25.52 20.77 -10.00
C GLU A 89 -24.76 21.89 -9.30
N LYS A 90 -25.19 22.27 -8.10
CA LYS A 90 -24.49 23.30 -7.35
C LYS A 90 -23.34 22.71 -6.56
N TYR A 91 -23.62 21.69 -5.75
CA TYR A 91 -22.70 21.25 -4.71
C TYR A 91 -21.91 20.00 -5.06
N HIS A 92 -22.41 19.16 -5.96
CA HIS A 92 -21.82 17.85 -6.22
C HIS A 92 -21.67 17.06 -4.93
N SER A 93 -22.80 16.85 -4.26
CA SER A 93 -22.80 16.00 -3.08
C SER A 93 -22.67 14.55 -3.49
N ASN A 94 -22.00 13.77 -2.65
CA ASN A 94 -21.83 12.35 -2.94
C ASN A 94 -23.18 11.63 -2.76
N TRP A 95 -23.21 10.34 -3.11
CA TRP A 95 -24.47 9.62 -3.11
C TRP A 95 -25.06 9.52 -1.70
N ARG A 96 -24.24 9.37 -0.66
CA ARG A 96 -24.78 9.28 0.68
C ARG A 96 -25.47 10.57 1.11
N ALA A 97 -24.86 11.72 0.84
CA ALA A 97 -25.45 12.98 1.25
C ALA A 97 -26.82 13.18 0.60
N MET A 98 -26.96 12.82 -0.67
CA MET A 98 -28.25 12.89 -1.34
C MET A 98 -29.25 11.90 -0.79
N ALA A 99 -28.85 10.64 -0.65
CA ALA A 99 -29.72 9.61 -0.08
C ALA A 99 -30.22 10.04 1.29
N SER A 100 -29.38 10.70 2.07
CA SER A 100 -29.75 11.11 3.41
C SER A 100 -30.67 12.33 3.38
N ASP A 101 -30.31 13.35 2.61
CA ASP A 101 -30.98 14.63 2.66
C ASP A 101 -32.22 14.71 1.78
N PHE A 102 -32.52 13.69 1.00
CA PHE A 102 -33.69 13.78 0.14
C PHE A 102 -34.48 12.49 0.04
N ASN A 103 -34.34 11.57 0.98
CA ASN A 103 -35.03 10.28 0.91
C ASN A 103 -34.86 9.62 -0.45
N LEU A 104 -33.68 9.10 -0.68
CA LEU A 104 -33.53 8.34 -1.90
C LEU A 104 -32.84 7.02 -1.59
N PRO A 105 -33.26 5.92 -2.22
CA PRO A 105 -32.50 4.68 -2.09
C PRO A 105 -31.10 4.89 -2.60
N PRO A 106 -30.14 4.14 -2.08
CA PRO A 106 -28.74 4.30 -2.52
C PRO A 106 -28.54 4.16 -4.01
N VAL A 107 -29.34 3.35 -4.69
CA VAL A 107 -29.11 3.12 -6.12
C VAL A 107 -29.46 4.37 -6.93
N VAL A 108 -30.52 5.09 -6.53
CA VAL A 108 -30.90 6.31 -7.24
C VAL A 108 -29.90 7.44 -6.97
N ALA A 109 -29.47 7.58 -5.72
CA ALA A 109 -28.45 8.57 -5.38
C ALA A 109 -27.15 8.29 -6.14
N LYS A 110 -26.76 7.02 -6.21
CA LYS A 110 -25.56 6.66 -6.93
C LYS A 110 -25.72 6.91 -8.41
N GLU A 111 -26.93 6.73 -8.94
CA GLU A 111 -27.16 7.04 -10.35
C GLU A 111 -27.01 8.53 -10.62
N ILE A 112 -27.52 9.38 -9.74
CA ILE A 112 -27.34 10.81 -9.92
C ILE A 112 -25.86 11.17 -9.92
N VAL A 113 -25.08 10.56 -9.02
CA VAL A 113 -23.64 10.80 -9.06
C VAL A 113 -23.05 10.31 -10.37
N ALA A 114 -23.46 9.13 -10.81
CA ALA A 114 -22.85 8.51 -11.98
C ALA A 114 -23.28 9.16 -13.28
N SER A 115 -24.23 10.08 -13.24
CA SER A 115 -24.62 10.81 -14.44
C SER A 115 -23.88 12.14 -14.61
N CYS A 116 -23.11 12.55 -13.61
CA CYS A 116 -22.41 13.83 -13.63
C CYS A 116 -20.99 13.62 -14.14
N ASP A 117 -20.65 14.23 -15.27
CA ASP A 117 -19.31 14.11 -15.80
C ASP A 117 -18.30 14.70 -14.82
N LYS A 118 -18.73 15.74 -14.10
CA LYS A 118 -17.84 16.48 -13.21
C LYS A 118 -17.45 15.70 -11.97
N CYS A 119 -18.07 14.56 -11.69
CA CYS A 119 -17.77 13.78 -10.50
C CYS A 119 -17.01 12.50 -10.82
N GLN A 120 -16.57 12.33 -12.06
CA GLN A 120 -15.81 11.14 -12.47
C GLN A 120 -14.33 11.46 -12.37
N LEU A 121 -13.78 11.28 -11.17
CA LEU A 121 -12.45 11.76 -10.86
C LEU A 121 -11.54 10.71 -10.23
N LYS A 122 -11.87 9.44 -10.32
CA LYS A 122 -11.11 8.44 -9.59
C LYS A 122 -11.12 7.12 -10.34
N GLY A 123 -9.96 6.50 -10.47
CA GLY A 123 -9.86 5.21 -11.11
C GLY A 123 -10.11 4.05 -10.18
N GLU A 124 -10.20 2.87 -10.75
CA GLU A 124 -10.43 1.68 -9.95
C GLU A 124 -9.15 1.27 -9.23
N ALA A 125 -9.31 0.87 -7.97
CA ALA A 125 -8.19 0.61 -7.07
C ALA A 125 -7.70 -0.83 -7.26
N MET A 126 -6.89 -1.02 -8.28
CA MET A 126 -6.24 -2.29 -8.52
C MET A 126 -4.88 -2.03 -9.14
N HIS A 127 -4.15 -3.09 -9.38
CA HIS A 127 -2.93 -3.02 -10.17
C HIS A 127 -2.98 -4.17 -11.14
N GLY A 128 -2.51 -3.94 -12.35
CA GLY A 128 -2.30 -5.01 -13.31
C GLY A 128 -1.11 -5.87 -12.94
N GLN A 129 -0.74 -6.75 -13.86
CA GLN A 129 0.39 -7.64 -13.67
C GLN A 129 1.21 -7.71 -14.96
N VAL A 130 2.51 -7.45 -14.85
CA VAL A 130 3.37 -7.46 -16.02
C VAL A 130 3.62 -8.89 -16.49
N ASP A 131 3.89 -9.03 -17.78
CA ASP A 131 4.24 -10.31 -18.39
C ASP A 131 5.55 -10.83 -17.82
N CYS A 132 5.57 -12.12 -17.47
CA CYS A 132 6.75 -12.75 -16.90
C CYS A 132 7.18 -14.00 -17.67
N SER A 133 6.79 -14.10 -18.94
CA SER A 133 7.22 -15.22 -19.78
C SER A 133 8.74 -15.33 -19.83
N PRO A 134 9.28 -16.52 -20.11
CA PRO A 134 10.75 -16.71 -20.03
C PRO A 134 11.53 -15.80 -20.97
N GLY A 135 10.93 -15.31 -22.05
CA GLY A 135 11.67 -14.52 -23.00
C GLY A 135 11.52 -13.01 -22.93
N ILE A 136 10.93 -12.45 -21.89
CA ILE A 136 10.69 -11.01 -21.83
C ILE A 136 11.82 -10.33 -21.07
N TRP A 137 12.33 -9.26 -21.64
CA TRP A 137 13.30 -8.40 -20.98
C TRP A 137 12.74 -6.98 -20.91
N GLN A 138 12.89 -6.35 -19.76
CA GLN A 138 12.49 -4.97 -19.56
C GLN A 138 13.73 -4.09 -19.52
N LEU A 139 13.81 -3.14 -20.45
CA LEU A 139 14.94 -2.25 -20.56
C LEU A 139 14.56 -0.85 -20.06
N ASP A 140 15.55 -0.17 -19.53
CA ASP A 140 15.40 1.22 -19.13
C ASP A 140 16.78 1.85 -19.00
N CYS A 141 16.81 3.16 -19.08
CA CYS A 141 17.99 3.93 -18.74
C CYS A 141 17.82 4.53 -17.36
N THR A 142 18.93 4.70 -16.67
CA THR A 142 18.94 5.37 -15.38
C THR A 142 20.16 6.27 -15.35
N HIS A 143 20.22 7.15 -14.36
CA HIS A 143 21.24 8.20 -14.34
C HIS A 143 21.91 8.25 -12.98
N LEU A 144 23.24 8.36 -13.00
CA LEU A 144 24.00 8.44 -11.77
C LEU A 144 25.26 9.24 -12.05
N GLU A 145 25.58 10.18 -11.15
CA GLU A 145 26.79 11.00 -11.24
C GLU A 145 27.00 11.61 -12.63
N GLY A 146 25.91 11.84 -13.34
CA GLY A 146 26.00 12.49 -14.63
C GLY A 146 26.12 11.57 -15.82
N LYS A 147 26.15 10.26 -15.60
CA LYS A 147 26.27 9.32 -16.70
C LYS A 147 24.98 8.53 -16.85
N VAL A 148 24.84 7.92 -18.02
CA VAL A 148 23.64 7.15 -18.35
C VAL A 148 23.97 5.66 -18.24
N ILE A 149 23.26 4.97 -17.36
CA ILE A 149 23.40 3.54 -17.17
C ILE A 149 22.20 2.86 -17.82
N LEU A 150 22.47 2.06 -18.84
CA LEU A 150 21.46 1.26 -19.51
C LEU A 150 21.30 -0.08 -18.80
N VAL A 151 20.09 -0.38 -18.34
CA VAL A 151 19.85 -1.56 -17.51
C VAL A 151 18.80 -2.44 -18.17
N ALA A 152 19.10 -3.73 -18.23
CA ALA A 152 18.13 -4.73 -18.64
C ALA A 152 17.92 -5.70 -17.48
N VAL A 153 16.70 -6.19 -17.35
CA VAL A 153 16.41 -7.26 -16.42
C VAL A 153 15.61 -8.34 -17.14
N HIS A 154 15.97 -9.59 -16.88
CA HIS A 154 15.17 -10.74 -17.28
C HIS A 154 14.03 -10.91 -16.28
N VAL A 155 12.79 -10.77 -16.76
CA VAL A 155 11.65 -10.57 -15.87
C VAL A 155 11.42 -11.81 -15.00
N ALA A 156 11.53 -13.00 -15.60
CA ALA A 156 11.27 -14.23 -14.87
C ALA A 156 12.23 -14.44 -13.71
N SER A 157 13.49 -14.04 -13.85
CA SER A 157 14.49 -14.39 -12.86
C SER A 157 14.98 -13.22 -12.02
N GLY A 158 14.92 -12.00 -12.54
CA GLY A 158 15.54 -10.88 -11.84
C GLY A 158 16.98 -10.65 -12.19
N TYR A 159 17.47 -11.31 -13.23
CA TYR A 159 18.86 -11.23 -13.66
C TYR A 159 19.09 -9.94 -14.45
N ILE A 160 20.12 -9.19 -14.11
CA ILE A 160 20.33 -7.90 -14.75
C ILE A 160 21.57 -7.87 -15.64
N GLU A 161 21.50 -7.01 -16.65
CA GLU A 161 22.61 -6.69 -17.52
C GLU A 161 22.60 -5.16 -17.52
N ALA A 162 23.73 -4.54 -17.18
CA ALA A 162 23.82 -3.09 -17.13
C ALA A 162 25.19 -2.62 -17.61
N GLU A 163 25.18 -1.52 -18.38
CA GLU A 163 26.41 -0.87 -18.83
C GLU A 163 26.27 0.64 -18.78
N VAL A 164 27.32 1.32 -18.30
CA VAL A 164 27.45 2.75 -18.54
C VAL A 164 27.64 2.99 -20.03
N ILE A 165 26.77 3.81 -20.60
CA ILE A 165 26.88 4.18 -22.01
C ILE A 165 27.21 5.65 -22.14
N PRO A 166 27.86 6.09 -23.22
CA PRO A 166 28.29 7.49 -23.32
C PRO A 166 27.13 8.48 -23.45
N ALA A 167 26.04 8.11 -24.11
CA ALA A 167 24.87 8.99 -24.18
C ALA A 167 23.61 8.14 -24.33
N GLU A 168 22.46 8.79 -24.13
CA GLU A 168 21.15 8.13 -24.22
C GLU A 168 20.67 8.17 -25.66
N THR A 169 21.33 7.42 -26.52
CA THR A 169 21.08 7.44 -27.94
C THR A 169 20.70 6.06 -28.46
N GLY A 170 19.95 6.04 -29.55
CA GLY A 170 19.50 4.81 -30.15
C GLY A 170 20.61 3.91 -30.64
N GLN A 171 21.75 4.51 -31.03
CA GLN A 171 22.92 3.72 -31.49
C GLN A 171 23.56 2.84 -30.42
N GLU A 172 23.78 3.40 -29.24
CA GLU A 172 24.29 2.65 -28.09
C GLU A 172 23.26 1.66 -27.58
N THR A 173 21.97 2.01 -27.67
CA THR A 173 20.93 1.09 -27.23
C THR A 173 20.85 -0.10 -28.17
N ALA A 174 20.93 0.13 -29.48
CA ALA A 174 20.88 -0.97 -30.42
C ALA A 174 22.07 -1.90 -30.21
N TYR A 175 23.24 -1.34 -29.89
CA TYR A 175 24.41 -2.15 -29.65
C TYR A 175 24.27 -2.99 -28.39
N PHE A 176 23.87 -2.36 -27.28
CA PHE A 176 23.57 -3.08 -26.03
C PHE A 176 22.58 -4.21 -26.28
N LEU A 177 21.52 -3.92 -27.03
CA LEU A 177 20.47 -4.89 -27.26
C LEU A 177 20.96 -6.05 -28.10
N LEU A 178 21.79 -5.78 -29.11
CA LEU A 178 22.23 -6.85 -29.98
C LEU A 178 23.21 -7.76 -29.25
N LYS A 179 24.05 -7.16 -28.39
CA LYS A 179 24.87 -7.94 -27.48
C LYS A 179 24.02 -8.84 -26.60
N LEU A 180 23.00 -8.26 -25.96
CA LEU A 180 22.13 -9.05 -25.08
C LEU A 180 21.49 -10.20 -25.83
N ALA A 181 21.00 -9.96 -27.03
CA ALA A 181 20.39 -11.03 -27.81
C ALA A 181 21.41 -12.10 -28.19
N GLY A 182 22.68 -11.72 -28.30
CA GLY A 182 23.70 -12.72 -28.55
C GLY A 182 24.12 -13.50 -27.32
N ARG A 183 24.04 -12.87 -26.14
CA ARG A 183 24.30 -13.52 -24.84
C ARG A 183 23.23 -14.48 -24.25
N TRP A 184 21.96 -14.09 -24.34
CA TRP A 184 20.83 -14.82 -23.78
C TRP A 184 19.69 -14.86 -24.77
N PRO A 185 18.81 -15.83 -24.66
CA PRO A 185 17.63 -15.82 -25.52
C PRO A 185 16.72 -14.65 -25.15
N VAL A 186 16.55 -13.73 -26.09
CA VAL A 186 15.65 -12.59 -25.94
C VAL A 186 14.55 -12.77 -26.97
N LYS A 187 13.30 -12.81 -26.53
CA LYS A 187 12.17 -12.83 -27.44
C LYS A 187 11.46 -11.50 -27.51
N THR A 188 11.36 -10.81 -26.39
CA THR A 188 10.59 -9.60 -26.28
C THR A 188 11.32 -8.63 -25.37
N VAL A 189 11.34 -7.36 -25.76
CA VAL A 189 11.84 -6.29 -24.93
C VAL A 189 10.69 -5.33 -24.64
N HIS A 190 10.67 -4.81 -23.43
CA HIS A 190 9.60 -3.97 -22.93
C HIS A 190 10.19 -2.72 -22.31
N THR A 191 9.97 -1.57 -22.93
CA THR A 191 10.58 -0.33 -22.50
C THR A 191 9.52 0.76 -22.39
N ASP A 192 9.91 1.86 -21.75
CA ASP A 192 9.13 3.09 -21.85
C ASP A 192 9.35 3.70 -23.24
N ASN A 193 8.83 4.90 -23.46
CA ASN A 193 8.85 5.53 -24.77
C ASN A 193 9.94 6.60 -24.89
N GLY A 194 11.09 6.40 -24.24
CA GLY A 194 12.24 7.25 -24.45
C GLY A 194 12.70 7.20 -25.89
N SER A 195 13.39 8.25 -26.36
CA SER A 195 13.73 8.31 -27.77
C SER A 195 14.75 7.26 -28.17
N ASN A 196 15.59 6.84 -27.23
CA ASN A 196 16.56 5.81 -27.51
C ASN A 196 15.88 4.50 -27.86
N PHE A 197 14.75 4.21 -27.21
CA PHE A 197 14.10 2.92 -27.40
C PHE A 197 13.20 2.89 -28.62
N THR A 198 12.62 4.03 -29.00
CA THR A 198 11.73 4.10 -30.15
C THR A 198 12.48 4.43 -31.43
N SER A 199 13.79 4.60 -31.35
CA SER A 199 14.61 4.90 -32.51
C SER A 199 14.50 3.81 -33.58
N THR A 200 14.72 4.22 -34.81
CA THR A 200 14.71 3.31 -35.96
C THR A 200 15.86 2.32 -35.91
N THR A 201 17.01 2.73 -35.36
CA THR A 201 18.15 1.84 -35.28
C THR A 201 17.93 0.70 -34.29
N VAL A 202 17.30 0.99 -33.13
CA VAL A 202 16.88 -0.07 -32.24
C VAL A 202 15.86 -0.98 -32.91
N LYS A 203 14.98 -0.41 -33.73
CA LYS A 203 13.99 -1.22 -34.43
C LYS A 203 14.66 -2.18 -35.41
N ALA A 204 15.71 -1.71 -36.10
CA ALA A 204 16.43 -2.59 -37.02
C ALA A 204 17.23 -3.64 -36.26
N ALA A 205 17.76 -3.30 -35.08
CA ALA A 205 18.45 -4.29 -34.27
C ALA A 205 17.49 -5.39 -33.82
N CYS A 206 16.28 -5.02 -33.40
CA CYS A 206 15.31 -6.02 -32.97
C CYS A 206 14.88 -6.90 -34.13
N TRP A 207 14.76 -6.32 -35.32
CA TRP A 207 14.29 -7.09 -36.46
C TRP A 207 15.35 -8.10 -36.90
N TRP A 208 16.63 -7.76 -36.75
CA TRP A 208 17.68 -8.70 -37.14
C TRP A 208 17.81 -9.84 -36.13
N ALA A 209 17.68 -9.54 -34.85
CA ALA A 209 17.79 -10.53 -33.79
C ALA A 209 16.50 -11.32 -33.57
N GLY A 210 15.42 -10.96 -34.24
CA GLY A 210 14.14 -11.60 -33.99
C GLY A 210 13.47 -11.22 -32.70
N ILE A 211 13.65 -9.98 -32.25
CA ILE A 211 13.11 -9.53 -30.98
C ILE A 211 11.85 -8.70 -31.23
N LYS A 212 10.77 -9.08 -30.57
CA LYS A 212 9.57 -8.25 -30.58
C LYS A 212 9.69 -7.14 -29.56
N GLN A 213 9.27 -5.94 -29.95
CA GLN A 213 9.28 -4.78 -29.08
C GLN A 213 7.87 -4.55 -28.55
N LYS A 214 7.77 -4.25 -27.27
CA LYS A 214 6.52 -3.84 -26.65
C LYS A 214 6.77 -2.54 -25.90
N PHE A 215 5.98 -1.53 -26.22
CA PHE A 215 6.12 -0.24 -25.61
C PHE A 215 5.00 -0.05 -24.60
N ALA A 216 5.37 0.31 -23.39
CA ALA A 216 4.39 0.56 -22.35
C ALA A 216 3.48 1.73 -22.73
N ILE A 217 2.38 1.85 -22.01
CA ILE A 217 1.54 3.05 -22.06
C ILE A 217 2.40 4.23 -21.65
N PRO A 218 2.35 5.33 -22.40
CA PRO A 218 3.19 6.48 -22.08
C PRO A 218 2.94 7.02 -20.69
N TYR A 219 4.03 7.30 -19.98
CA TYR A 219 4.02 7.90 -18.65
C TYR A 219 3.31 7.02 -17.63
N ASN A 220 3.42 5.72 -17.80
CA ASN A 220 3.00 4.75 -16.79
C ASN A 220 4.19 3.89 -16.40
N PRO A 221 5.03 4.38 -15.48
CA PRO A 221 6.20 3.60 -15.05
C PRO A 221 5.86 2.27 -14.40
N GLN A 222 4.66 2.17 -13.80
CA GLN A 222 4.21 0.91 -13.22
C GLN A 222 4.25 -0.22 -14.25
N SER A 223 4.09 0.12 -15.53
CA SER A 223 4.21 -0.89 -16.59
C SER A 223 5.63 -1.42 -16.69
N ARG A 224 6.62 -0.60 -16.37
CA ARG A 224 8.01 -1.03 -16.35
C ARG A 224 8.47 -1.32 -14.92
N GLY A 225 7.51 -1.57 -14.04
CA GLY A 225 7.78 -1.79 -12.62
C GLY A 225 8.97 -2.67 -12.31
N VAL A 226 9.15 -3.78 -13.03
CA VAL A 226 10.28 -4.68 -12.76
C VAL A 226 11.60 -3.95 -12.98
N ILE A 227 11.79 -3.35 -14.16
CA ILE A 227 13.06 -2.70 -14.42
C ILE A 227 13.24 -1.44 -13.56
N GLU A 228 12.16 -0.74 -13.22
CA GLU A 228 12.31 0.42 -12.34
C GLU A 228 12.78 0.01 -10.96
N SER A 229 12.24 -1.09 -10.46
CA SER A 229 12.70 -1.62 -9.17
C SER A 229 14.14 -2.09 -9.25
N MET A 230 14.53 -2.68 -10.38
CA MET A 230 15.92 -3.05 -10.58
C MET A 230 16.83 -1.83 -10.63
N ASN A 231 16.35 -0.71 -11.20
CA ASN A 231 17.10 0.54 -11.11
C ASN A 231 17.40 0.88 -9.65
N LYS A 232 16.37 0.84 -8.82
CA LYS A 232 16.56 1.16 -7.39
C LYS A 232 17.58 0.22 -6.75
N GLU A 233 17.44 -1.07 -7.00
CA GLU A 233 18.34 -2.07 -6.42
C GLU A 233 19.78 -1.92 -6.89
N LEU A 234 19.98 -1.67 -8.17
CA LEU A 234 21.32 -1.49 -8.72
C LEU A 234 21.97 -0.23 -8.17
N LYS A 235 21.20 0.85 -8.03
CA LYS A 235 21.77 2.06 -7.45
C LYS A 235 22.14 1.86 -5.99
N LYS A 236 21.33 1.10 -5.26
CA LYS A 236 21.66 0.81 -3.86
C LYS A 236 22.98 0.02 -3.76
N ILE A 237 23.16 -0.98 -4.62
CA ILE A 237 24.40 -1.76 -4.57
C ILE A 237 25.59 -0.91 -5.00
N ILE A 238 25.44 -0.14 -6.08
CA ILE A 238 26.50 0.79 -6.51
C ILE A 238 26.89 1.69 -5.36
N GLY A 239 25.93 2.16 -4.59
CA GLY A 239 26.25 2.99 -3.45
C GLY A 239 26.98 2.22 -2.35
N GLN A 240 26.74 0.92 -2.27
CA GLN A 240 27.46 0.13 -1.28
C GLN A 240 28.92 -0.11 -1.69
N VAL A 241 29.19 -0.23 -2.99
CA VAL A 241 30.53 -0.60 -3.42
C VAL A 241 31.24 0.50 -4.21
N ARG A 242 30.72 1.73 -4.16
CA ARG A 242 31.30 2.82 -4.93
C ARG A 242 32.75 3.09 -4.55
N ASP A 243 33.09 2.99 -3.27
CA ASP A 243 34.44 3.30 -2.80
C ASP A 243 35.47 2.26 -3.20
N GLN A 244 35.05 1.09 -3.71
CA GLN A 244 36.00 0.05 -4.10
C GLN A 244 36.48 0.20 -5.52
N ALA A 245 36.00 1.22 -6.23
CA ALA A 245 36.40 1.46 -7.61
C ALA A 245 36.71 2.93 -7.80
N GLU A 246 37.13 3.26 -9.01
CA GLU A 246 37.37 4.65 -9.39
C GLU A 246 36.31 5.16 -10.35
N HIS A 247 36.20 4.55 -11.54
CA HIS A 247 35.23 4.96 -12.53
C HIS A 247 33.89 4.28 -12.28
N LEU A 248 32.82 5.01 -12.58
CA LEU A 248 31.47 4.49 -12.36
C LEU A 248 31.22 3.21 -13.16
N LYS A 249 31.85 3.07 -14.32
CA LYS A 249 31.65 1.88 -15.14
C LYS A 249 32.06 0.61 -14.39
N THR A 250 33.18 0.67 -13.68
CA THR A 250 33.64 -0.48 -12.92
C THR A 250 32.69 -0.79 -11.77
N ALA A 251 32.28 0.24 -11.01
CA ALA A 251 31.37 0.01 -9.90
C ALA A 251 30.03 -0.55 -10.38
N VAL A 252 29.58 -0.13 -11.56
CA VAL A 252 28.36 -0.67 -12.14
C VAL A 252 28.52 -2.16 -12.42
N GLN A 253 29.65 -2.55 -13.04
CA GLN A 253 29.85 -3.96 -13.31
C GLN A 253 29.98 -4.77 -12.03
N MET A 254 30.66 -4.24 -11.02
CA MET A 254 30.70 -4.89 -9.72
C MET A 254 29.30 -5.09 -9.16
N ALA A 255 28.46 -4.05 -9.25
CA ALA A 255 27.12 -4.17 -8.72
C ALA A 255 26.29 -5.20 -9.48
N VAL A 256 26.52 -5.31 -10.78
CA VAL A 256 25.83 -6.33 -11.58
C VAL A 256 26.25 -7.72 -11.13
N PHE A 257 27.55 -7.92 -10.92
CA PHE A 257 28.06 -9.14 -10.32
C PHE A 257 27.36 -9.44 -8.99
N ILE A 258 27.33 -8.44 -8.09
CA ILE A 258 26.80 -8.66 -6.75
C ILE A 258 25.32 -9.04 -6.81
N HIS A 259 24.56 -8.37 -7.67
CA HIS A 259 23.15 -8.69 -7.79
C HIS A 259 22.94 -10.06 -8.39
N ASN A 260 23.73 -10.42 -9.40
CA ASN A 260 23.49 -11.66 -10.13
C ASN A 260 23.96 -12.89 -9.36
N PHE A 261 24.92 -12.76 -8.45
CA PHE A 261 25.52 -13.95 -7.84
C PHE A 261 25.72 -13.89 -6.35
N LYS A 262 25.59 -12.73 -5.71
CA LYS A 262 25.88 -12.61 -4.28
C LYS A 262 24.67 -12.17 -3.47
N ARG A 263 23.46 -12.27 -4.01
CA ARG A 263 22.25 -11.96 -3.26
C ARG A 263 21.23 -13.05 -3.54
N LYS A 264 20.82 -13.77 -2.51
CA LYS A 264 19.91 -14.90 -2.68
C LYS A 264 18.57 -14.62 -2.02
N GLY A 265 17.51 -15.03 -2.72
CA GLY A 265 16.16 -14.91 -2.23
C GLY A 265 15.19 -15.33 -3.33
N GLY A 266 13.98 -14.77 -3.26
CA GLY A 266 13.04 -15.07 -4.31
C GLY A 266 12.51 -16.49 -4.23
N ILE A 267 12.10 -17.02 -5.38
CA ILE A 267 11.20 -18.18 -5.37
C ILE A 267 11.92 -19.44 -4.90
N GLY A 268 13.10 -19.72 -5.45
CA GLY A 268 13.81 -20.90 -5.03
C GLY A 268 15.03 -20.63 -4.17
N GLY A 269 14.96 -19.58 -3.36
CA GLY A 269 16.11 -19.14 -2.59
C GLY A 269 17.35 -18.85 -3.42
N TYR A 270 17.18 -18.74 -4.73
CA TYR A 270 18.28 -18.64 -5.67
C TYR A 270 18.95 -17.26 -5.63
N SER A 271 20.08 -17.17 -6.31
CA SER A 271 20.54 -15.91 -6.85
C SER A 271 19.91 -15.71 -8.22
N ALA A 272 20.01 -14.49 -8.74
CA ALA A 272 19.45 -14.22 -10.06
C ALA A 272 20.13 -15.04 -11.14
N GLY A 273 21.44 -15.28 -11.02
CA GLY A 273 22.14 -16.08 -12.01
C GLY A 273 21.68 -17.53 -12.01
N GLU A 274 21.69 -18.15 -10.83
CA GLU A 274 21.11 -19.49 -10.68
C GLU A 274 19.69 -19.51 -11.22
N ARG A 275 18.89 -18.52 -10.87
CA ARG A 275 17.48 -18.54 -11.24
C ARG A 275 17.30 -18.48 -12.75
N ILE A 276 18.05 -17.60 -13.43
CA ILE A 276 17.90 -17.54 -14.88
C ILE A 276 18.36 -18.84 -15.52
N VAL A 277 19.43 -19.44 -15.00
CA VAL A 277 19.87 -20.72 -15.54
C VAL A 277 18.76 -21.75 -15.41
N ASP A 278 18.13 -21.81 -14.23
CA ASP A 278 17.04 -22.75 -13.99
C ASP A 278 15.86 -22.46 -14.92
N ILE A 279 15.44 -21.19 -15.03
CA ILE A 279 14.30 -20.85 -15.87
C ILE A 279 14.53 -21.31 -17.31
N ILE A 280 15.69 -20.98 -17.87
CA ILE A 280 15.94 -21.28 -19.28
C ILE A 280 16.12 -22.77 -19.49
N ALA A 281 16.89 -23.42 -18.61
CA ALA A 281 17.07 -24.85 -18.67
C ALA A 281 15.73 -25.56 -18.60
N THR A 282 14.87 -25.15 -17.68
CA THR A 282 13.54 -25.71 -17.57
C THR A 282 12.73 -25.50 -18.84
N ASP A 283 12.79 -24.30 -19.41
CA ASP A 283 12.09 -24.04 -20.66
C ASP A 283 12.49 -25.05 -21.74
N ILE A 284 13.79 -25.21 -21.95
CA ILE A 284 14.27 -26.14 -22.99
C ILE A 284 13.84 -27.57 -22.67
N GLN A 285 14.01 -27.98 -21.41
CA GLN A 285 13.75 -29.36 -21.02
C GLN A 285 12.28 -29.71 -21.13
N THR A 286 11.41 -28.87 -20.57
CA THR A 286 9.97 -29.09 -20.69
C THR A 286 9.53 -29.08 -22.16
N LYS A 287 10.10 -28.19 -22.97
CA LYS A 287 9.73 -28.16 -24.37
C LYS A 287 9.99 -29.52 -25.03
N GLU A 288 11.22 -30.03 -24.87
CA GLU A 288 11.55 -31.34 -25.43
C GLU A 288 10.67 -32.45 -24.84
N LEU A 289 10.49 -32.44 -23.51
CA LEU A 289 9.74 -33.49 -22.84
C LEU A 289 8.31 -33.57 -23.36
N GLN A 290 7.60 -32.45 -23.35
CA GLN A 290 6.23 -32.44 -23.85
C GLN A 290 6.17 -32.74 -25.34
N LYS A 291 7.21 -32.36 -26.11
CA LYS A 291 7.25 -32.79 -27.50
C LYS A 291 7.20 -34.30 -27.61
N GLN A 292 8.02 -34.98 -26.82
CA GLN A 292 8.05 -36.44 -26.84
C GLN A 292 6.74 -37.03 -26.33
N ILE A 293 6.17 -36.44 -25.28
CA ILE A 293 4.93 -36.97 -24.72
C ILE A 293 3.79 -36.88 -25.74
N THR A 294 3.57 -35.68 -26.30
CA THR A 294 2.54 -35.55 -27.32
C THR A 294 2.84 -36.42 -28.54
N LYS A 295 4.11 -36.63 -28.85
CA LYS A 295 4.45 -37.53 -29.95
C LYS A 295 4.02 -38.96 -29.63
N ILE A 296 4.10 -39.35 -28.36
CA ILE A 296 3.73 -40.71 -27.99
C ILE A 296 2.24 -40.75 -27.68
N GLN A 297 1.85 -40.11 -26.59
CA GLN A 297 0.46 -40.09 -26.13
C GLN A 297 -0.45 -39.39 -27.12
N ASN A 298 -1.08 -40.16 -28.00
CA ASN A 298 -2.03 -39.63 -28.97
C ASN A 298 -3.38 -40.30 -28.74
N PHE A 299 -4.37 -39.50 -28.35
CA PHE A 299 -5.73 -40.00 -28.14
C PHE A 299 -6.71 -38.88 -28.45
N ARG A 300 -7.99 -39.22 -28.35
CA ARG A 300 -9.09 -38.26 -28.53
C ARG A 300 -10.08 -38.43 -27.39
N VAL A 301 -10.62 -37.31 -26.91
CA VAL A 301 -11.43 -37.30 -25.71
C VAL A 301 -12.77 -36.63 -25.98
N TYR A 302 -13.85 -37.35 -25.67
CA TYR A 302 -15.20 -36.83 -25.75
C TYR A 302 -15.71 -36.57 -24.35
N TYR A 303 -16.46 -35.49 -24.20
CA TYR A 303 -17.03 -35.10 -22.92
C TYR A 303 -18.34 -34.38 -23.17
N ARG A 304 -19.31 -34.63 -22.29
CA ARG A 304 -20.65 -34.07 -22.39
C ARG A 304 -21.35 -34.52 -23.67
N LYS A 312 -19.31 -33.59 -26.60
CA LYS A 312 -18.88 -32.62 -27.59
C LYS A 312 -18.22 -33.31 -28.77
N GLY A 313 -17.03 -32.85 -29.15
CA GLY A 313 -16.31 -33.41 -30.27
C GLY A 313 -15.03 -34.11 -29.86
N PRO A 314 -14.17 -34.39 -30.84
CA PRO A 314 -12.88 -35.06 -30.56
C PRO A 314 -11.82 -34.11 -30.00
N ALA A 315 -11.89 -33.88 -28.70
CA ALA A 315 -10.97 -32.96 -28.04
C ALA A 315 -9.67 -33.68 -27.71
N LYS A 316 -8.56 -33.12 -28.22
CA LYS A 316 -7.24 -33.68 -28.01
C LYS A 316 -6.94 -33.77 -26.51
N LEU A 317 -6.21 -34.82 -26.13
CA LEU A 317 -5.91 -35.07 -24.72
C LEU A 317 -4.58 -34.44 -24.33
N LEU A 318 -4.57 -33.73 -23.21
CA LEU A 318 -3.35 -33.20 -22.65
C LEU A 318 -2.83 -34.03 -21.49
N TRP A 319 -3.65 -34.23 -20.47
CA TRP A 319 -3.25 -34.88 -19.23
C TRP A 319 -4.45 -35.57 -18.61
N LYS A 320 -4.20 -36.70 -17.97
CA LYS A 320 -5.23 -37.41 -17.23
C LYS A 320 -4.68 -37.86 -15.88
N GLY A 321 -5.53 -37.82 -14.86
CA GLY A 321 -5.14 -38.30 -13.56
C GLY A 321 -5.89 -37.73 -12.38
N GLU A 322 -6.00 -38.53 -11.31
CA GLU A 322 -6.62 -38.11 -10.06
C GLU A 322 -8.08 -37.71 -10.23
N GLY A 323 -8.77 -38.37 -11.15
CA GLY A 323 -10.21 -38.13 -11.29
C GLY A 323 -10.57 -36.93 -12.13
N ALA A 324 -9.58 -36.29 -12.76
CA ALA A 324 -9.85 -35.19 -13.66
C ALA A 324 -9.04 -35.39 -14.93
N VAL A 325 -9.58 -34.90 -16.05
CA VAL A 325 -8.91 -34.98 -17.34
C VAL A 325 -8.76 -33.57 -17.89
N VAL A 326 -7.61 -33.28 -18.47
CA VAL A 326 -7.32 -31.99 -19.08
C VAL A 326 -7.30 -32.18 -20.59
N ILE A 327 -8.04 -31.33 -21.30
CA ILE A 327 -8.27 -31.50 -22.73
C ILE A 327 -8.31 -30.12 -23.38
N GLN A 328 -8.27 -30.13 -24.72
CA GLN A 328 -8.14 -28.91 -25.52
C GLN A 328 -9.17 -28.96 -26.64
N ASP A 329 -10.30 -28.28 -26.45
CA ASP A 329 -11.39 -28.26 -27.41
C ASP A 329 -11.42 -26.89 -28.09
N ASN A 330 -10.92 -26.85 -29.33
CA ASN A 330 -10.87 -25.61 -30.11
C ASN A 330 -10.06 -24.54 -29.39
N SER A 331 -8.82 -24.89 -29.04
CA SER A 331 -7.86 -23.96 -28.41
C SER A 331 -8.39 -23.43 -27.08
N ASP A 332 -9.28 -24.18 -26.44
CA ASP A 332 -9.86 -23.80 -25.16
C ASP A 332 -9.61 -24.93 -24.17
N ILE A 333 -8.65 -24.73 -23.28
CA ILE A 333 -8.21 -25.76 -22.34
C ILE A 333 -9.16 -25.75 -21.15
N LYS A 334 -9.85 -26.87 -20.95
CA LYS A 334 -10.81 -26.99 -19.86
C LYS A 334 -10.53 -28.27 -19.09
N VAL A 335 -10.76 -28.20 -17.78
CA VAL A 335 -10.54 -29.33 -16.89
C VAL A 335 -11.90 -29.93 -16.56
N VAL A 336 -12.23 -31.03 -17.22
CA VAL A 336 -13.49 -31.71 -16.96
C VAL A 336 -13.21 -32.98 -16.15
N PRO A 337 -14.04 -33.29 -15.16
CA PRO A 337 -13.77 -34.48 -14.34
C PRO A 337 -13.82 -35.75 -15.17
N ARG A 338 -13.39 -36.85 -14.55
CA ARG A 338 -13.34 -38.12 -15.27
C ARG A 338 -14.74 -38.56 -15.69
N ARG A 339 -15.73 -38.34 -14.84
CA ARG A 339 -17.11 -38.65 -15.19
C ARG A 339 -17.58 -37.74 -16.32
N LYS A 340 -18.24 -38.35 -17.30
CA LYS A 340 -18.67 -37.66 -18.51
C LYS A 340 -17.46 -37.18 -19.31
N ALA A 341 -16.53 -38.11 -19.53
CA ALA A 341 -15.35 -37.87 -20.35
C ALA A 341 -14.73 -39.23 -20.68
N LYS A 342 -14.66 -39.57 -21.96
CA LYS A 342 -14.14 -40.85 -22.42
C LYS A 342 -12.98 -40.61 -23.37
N ILE A 343 -11.95 -41.45 -23.27
CA ILE A 343 -10.72 -41.28 -24.05
C ILE A 343 -10.64 -42.37 -25.10
N ILE A 344 -10.39 -41.96 -26.35
CA ILE A 344 -10.34 -42.89 -27.47
C ILE A 344 -9.06 -42.66 -28.28
N LEU B 78 13.62 -46.22 -1.06
CA LEU B 78 14.15 -46.77 0.17
C LEU B 78 14.49 -48.25 -0.01
N ASP B 79 13.60 -48.97 -0.71
CA ASP B 79 13.78 -50.39 -0.91
C ASP B 79 14.66 -50.72 -2.11
N GLY B 80 14.81 -49.78 -3.04
CA GLY B 80 15.69 -49.95 -4.18
C GLY B 80 17.14 -49.64 -3.94
N ILE B 81 17.55 -49.49 -2.68
CA ILE B 81 18.96 -49.23 -2.39
C ILE B 81 19.81 -50.44 -2.77
N ASP B 82 19.36 -51.64 -2.41
CA ASP B 82 20.09 -52.85 -2.78
C ASP B 82 20.15 -53.01 -4.29
N LYS B 83 19.06 -52.68 -4.97
CA LYS B 83 19.07 -52.68 -6.43
C LYS B 83 20.12 -51.72 -6.97
N ALA B 84 20.25 -50.56 -6.35
CA ALA B 84 21.26 -49.59 -6.78
C ALA B 84 22.67 -50.11 -6.56
N GLN B 85 22.91 -50.75 -5.42
CA GLN B 85 24.23 -51.31 -5.17
C GLN B 85 24.56 -52.38 -6.20
N GLU B 86 23.60 -53.26 -6.50
CA GLU B 86 23.84 -54.29 -7.51
C GLU B 86 24.07 -53.68 -8.88
N GLU B 87 23.36 -52.60 -9.21
CA GLU B 87 23.55 -51.94 -10.49
C GLU B 87 24.93 -51.30 -10.57
N HIS B 88 25.41 -50.74 -9.46
CA HIS B 88 26.74 -50.14 -9.46
C HIS B 88 27.81 -51.20 -9.56
N GLU B 89 27.56 -52.39 -8.97
CA GLU B 89 28.52 -53.48 -9.09
C GLU B 89 28.56 -54.04 -10.50
N LYS B 90 27.42 -54.12 -11.17
CA LYS B 90 27.41 -54.68 -12.53
C LYS B 90 27.94 -53.67 -13.53
N TYR B 91 27.39 -52.45 -13.54
CA TYR B 91 27.58 -51.51 -14.63
C TYR B 91 28.39 -50.28 -14.28
N HIS B 92 28.63 -50.02 -12.99
CA HIS B 92 29.38 -48.84 -12.54
C HIS B 92 28.70 -47.56 -12.99
N SER B 93 27.37 -47.54 -12.94
CA SER B 93 26.62 -46.33 -13.25
C SER B 93 26.91 -45.24 -12.24
N ASN B 94 26.71 -43.98 -12.65
CA ASN B 94 26.96 -42.85 -11.78
C ASN B 94 25.72 -42.51 -10.96
N TRP B 95 25.84 -41.50 -10.11
CA TRP B 95 24.81 -41.24 -9.12
C TRP B 95 23.54 -40.69 -9.75
N ARG B 96 23.64 -40.08 -10.94
CA ARG B 96 22.46 -39.50 -11.57
C ARG B 96 21.47 -40.60 -11.98
N ALA B 97 21.95 -41.60 -12.71
CA ALA B 97 21.08 -42.69 -13.12
C ALA B 97 20.57 -43.47 -11.92
N MET B 98 21.43 -43.68 -10.93
CA MET B 98 21.05 -44.45 -9.75
C MET B 98 20.02 -43.72 -8.91
N ALA B 99 19.98 -42.39 -8.99
CA ALA B 99 19.02 -41.62 -8.23
C ALA B 99 17.73 -41.35 -9.01
N SER B 100 17.80 -41.33 -10.34
CA SER B 100 16.61 -41.08 -11.15
C SER B 100 15.83 -42.36 -11.44
N ASP B 101 16.52 -43.46 -11.75
CA ASP B 101 15.85 -44.71 -12.04
C ASP B 101 15.32 -45.41 -10.81
N PHE B 102 16.11 -45.47 -9.74
CA PHE B 102 15.79 -46.26 -8.56
C PHE B 102 15.23 -45.42 -7.41
N ASN B 103 14.97 -44.13 -7.64
CA ASN B 103 14.34 -43.26 -6.65
C ASN B 103 15.11 -43.25 -5.34
N LEU B 104 16.16 -42.43 -5.30
CA LEU B 104 16.96 -42.28 -4.11
C LEU B 104 17.30 -40.81 -3.92
N PRO B 105 17.15 -40.28 -2.71
CA PRO B 105 17.73 -38.99 -2.40
C PRO B 105 19.19 -38.99 -2.82
N PRO B 106 19.60 -37.97 -3.58
CA PRO B 106 20.89 -38.07 -4.29
C PRO B 106 22.07 -38.28 -3.37
N VAL B 107 21.94 -37.99 -2.08
CA VAL B 107 23.03 -38.26 -1.16
C VAL B 107 23.22 -39.76 -0.97
N VAL B 108 22.13 -40.52 -1.04
CA VAL B 108 22.24 -41.97 -0.97
C VAL B 108 23.00 -42.51 -2.18
N ALA B 109 22.63 -42.08 -3.39
CA ALA B 109 23.34 -42.54 -4.57
C ALA B 109 24.80 -42.08 -4.55
N LYS B 110 25.04 -40.89 -4.02
CA LYS B 110 26.41 -40.40 -3.93
C LYS B 110 27.23 -41.27 -2.98
N GLU B 111 26.63 -41.74 -1.89
CA GLU B 111 27.32 -42.67 -1.01
C GLU B 111 27.58 -44.00 -1.69
N ILE B 112 26.57 -44.53 -2.40
CA ILE B 112 26.77 -45.80 -3.09
C ILE B 112 27.96 -45.68 -4.06
N VAL B 113 27.91 -44.72 -4.97
CA VAL B 113 29.00 -44.50 -5.92
C VAL B 113 30.32 -44.17 -5.23
N ALA B 114 30.29 -43.55 -4.05
CA ALA B 114 31.48 -43.12 -3.36
C ALA B 114 32.11 -44.21 -2.50
N SER B 115 31.48 -45.37 -2.41
CA SER B 115 31.98 -46.46 -1.57
C SER B 115 32.60 -47.58 -2.38
N SER B 133 35.52 -27.72 -14.44
CA SER B 133 35.41 -27.40 -15.87
C SER B 133 34.32 -26.37 -16.20
N PRO B 134 33.08 -26.55 -15.72
CA PRO B 134 32.01 -25.62 -16.14
C PRO B 134 32.32 -24.16 -15.83
N GLY B 135 33.27 -23.88 -14.96
CA GLY B 135 33.69 -22.52 -14.69
C GLY B 135 34.99 -22.07 -15.32
N ILE B 136 35.49 -22.76 -16.36
CA ILE B 136 36.78 -22.45 -16.97
C ILE B 136 36.52 -21.72 -18.29
N TRP B 137 37.12 -20.55 -18.43
CA TRP B 137 37.02 -19.76 -19.65
C TRP B 137 38.41 -19.53 -20.24
N GLN B 138 38.46 -19.48 -21.57
CA GLN B 138 39.68 -19.19 -22.29
C GLN B 138 39.57 -17.81 -22.93
N LEU B 139 40.45 -16.89 -22.54
CA LEU B 139 40.55 -15.57 -23.14
C LEU B 139 41.66 -15.53 -24.16
N ASP B 140 41.54 -14.62 -25.13
CA ASP B 140 42.54 -14.35 -26.12
C ASP B 140 42.08 -13.20 -27.00
N CYS B 141 42.97 -12.23 -27.20
CA CYS B 141 42.74 -11.11 -28.11
C CYS B 141 43.06 -11.54 -29.52
N THR B 142 42.24 -11.11 -30.48
CA THR B 142 42.47 -11.34 -31.91
C THR B 142 42.27 -10.05 -32.69
N HIS B 143 42.79 -10.02 -33.90
CA HIS B 143 42.87 -8.79 -34.67
C HIS B 143 42.11 -8.91 -35.99
N LEU B 144 41.60 -7.77 -36.44
CA LEU B 144 40.72 -7.70 -37.60
C LEU B 144 40.50 -6.24 -37.94
N GLU B 145 40.59 -5.92 -39.24
CA GLU B 145 40.41 -4.56 -39.75
C GLU B 145 41.09 -3.52 -38.87
N GLY B 146 42.27 -3.87 -38.38
CA GLY B 146 43.01 -2.97 -37.52
C GLY B 146 42.55 -2.91 -36.09
N LYS B 147 41.39 -3.48 -35.78
CA LYS B 147 40.86 -3.43 -34.42
C LYS B 147 41.14 -4.76 -33.71
N VAL B 148 41.13 -4.69 -32.40
CA VAL B 148 41.35 -5.84 -31.53
C VAL B 148 40.01 -6.36 -31.03
N ILE B 149 39.79 -7.67 -31.22
CA ILE B 149 38.58 -8.35 -30.76
C ILE B 149 38.97 -9.26 -29.60
N LEU B 150 38.58 -8.88 -28.39
CA LEU B 150 38.80 -9.70 -27.20
C LEU B 150 37.72 -10.77 -27.10
N VAL B 151 38.13 -12.04 -27.10
CA VAL B 151 37.21 -13.18 -27.19
C VAL B 151 37.38 -14.09 -25.98
N ALA B 152 36.26 -14.41 -25.33
CA ALA B 152 36.23 -15.36 -24.22
C ALA B 152 35.45 -16.59 -24.65
N VAL B 153 35.97 -17.76 -24.31
CA VAL B 153 35.37 -19.03 -24.69
C VAL B 153 35.16 -19.87 -23.44
N HIS B 154 33.92 -20.29 -23.21
CA HIS B 154 33.61 -21.29 -22.20
C HIS B 154 33.92 -22.65 -22.82
N VAL B 155 34.98 -23.29 -22.33
CA VAL B 155 35.59 -24.39 -23.09
C VAL B 155 34.66 -25.59 -23.12
N ALA B 156 33.88 -25.79 -22.05
CA ALA B 156 33.03 -26.97 -21.96
C ALA B 156 31.86 -26.92 -22.93
N SER B 157 31.45 -25.74 -23.36
CA SER B 157 30.28 -25.62 -24.21
C SER B 157 30.58 -25.09 -25.60
N GLY B 158 31.65 -24.32 -25.77
CA GLY B 158 31.90 -23.63 -27.01
C GLY B 158 31.20 -22.30 -27.15
N TYR B 159 30.76 -21.70 -26.05
CA TYR B 159 29.97 -20.48 -26.06
C TYR B 159 30.90 -19.27 -25.97
N ILE B 160 30.61 -18.24 -26.75
CA ILE B 160 31.52 -17.15 -27.01
C ILE B 160 30.96 -15.86 -26.43
N GLU B 161 31.89 -15.05 -25.95
CA GLU B 161 31.64 -13.69 -25.53
C GLU B 161 32.76 -12.94 -26.24
N ALA B 162 32.45 -12.14 -27.25
CA ALA B 162 33.48 -11.38 -27.94
C ALA B 162 33.03 -9.93 -28.11
N GLU B 163 34.00 -9.02 -28.18
CA GLU B 163 33.70 -7.63 -28.47
C GLU B 163 34.96 -6.90 -28.90
N VAL B 164 34.74 -5.83 -29.66
CA VAL B 164 35.80 -4.88 -30.00
C VAL B 164 36.12 -4.04 -28.77
N ILE B 165 37.40 -3.97 -28.41
CA ILE B 165 37.87 -3.02 -27.41
C ILE B 165 38.69 -1.93 -28.11
N PRO B 166 38.76 -0.75 -27.48
CA PRO B 166 39.51 0.40 -28.04
C PRO B 166 41.00 0.13 -28.14
N ALA B 167 41.58 -0.48 -27.11
CA ALA B 167 43.00 -0.78 -27.09
C ALA B 167 43.33 -2.02 -26.26
N GLU B 168 44.44 -2.66 -26.56
CA GLU B 168 44.86 -3.85 -25.82
C GLU B 168 45.66 -3.48 -24.56
N THR B 169 44.96 -2.95 -23.57
CA THR B 169 45.58 -2.58 -22.31
C THR B 169 45.00 -3.44 -21.20
N GLY B 170 45.63 -3.34 -20.02
CA GLY B 170 45.15 -4.06 -18.87
C GLY B 170 43.76 -3.63 -18.46
N GLN B 171 43.48 -2.33 -18.51
CA GLN B 171 42.21 -1.83 -17.99
C GLN B 171 41.03 -2.37 -18.78
N GLU B 172 41.18 -2.39 -20.10
CA GLU B 172 40.15 -2.89 -21.02
C GLU B 172 39.86 -4.38 -20.84
N THR B 173 40.93 -5.17 -20.69
CA THR B 173 40.80 -6.59 -20.42
C THR B 173 40.15 -6.84 -19.06
N ALA B 174 40.54 -6.05 -18.05
CA ALA B 174 39.98 -6.21 -16.72
C ALA B 174 38.50 -5.86 -16.70
N TYR B 175 38.10 -4.83 -17.46
CA TYR B 175 36.70 -4.47 -17.52
C TYR B 175 35.88 -5.55 -18.23
N PHE B 176 36.43 -6.10 -19.32
CA PHE B 176 35.82 -7.24 -19.99
C PHE B 176 35.66 -8.41 -19.03
N LEU B 177 36.64 -8.61 -18.14
CA LEU B 177 36.60 -9.73 -17.21
C LEU B 177 35.55 -9.51 -16.13
N LEU B 178 35.50 -8.31 -15.56
CA LEU B 178 34.44 -7.98 -14.61
C LEU B 178 33.06 -8.19 -15.24
N LYS B 179 32.88 -7.76 -16.48
CA LYS B 179 31.60 -7.97 -17.15
C LYS B 179 31.28 -9.45 -17.29
N LEU B 180 32.25 -10.24 -17.78
CA LEU B 180 32.04 -11.66 -17.96
C LEU B 180 31.68 -12.33 -16.65
N ALA B 181 32.39 -12.00 -15.57
CA ALA B 181 32.17 -12.64 -14.28
C ALA B 181 30.83 -12.25 -13.68
N GLY B 182 30.39 -11.00 -13.92
CA GLY B 182 29.09 -10.61 -13.44
C GLY B 182 27.97 -11.21 -14.25
N ARG B 183 28.26 -11.70 -15.44
CA ARG B 183 27.24 -12.32 -16.29
C ARG B 183 27.19 -13.83 -16.19
N TRP B 184 28.27 -14.48 -15.78
CA TRP B 184 28.37 -15.93 -15.77
C TRP B 184 29.18 -16.37 -14.56
N PRO B 185 29.03 -17.62 -14.14
CA PRO B 185 29.94 -18.11 -13.10
C PRO B 185 31.32 -18.40 -13.71
N VAL B 186 32.31 -17.58 -13.34
CA VAL B 186 33.67 -17.70 -13.84
C VAL B 186 34.57 -18.03 -12.67
N LYS B 187 35.11 -19.24 -12.65
CA LYS B 187 36.07 -19.65 -11.64
C LYS B 187 37.51 -19.51 -12.09
N THR B 188 37.79 -19.79 -13.35
CA THR B 188 39.16 -19.82 -13.86
C THR B 188 39.21 -19.28 -15.28
N VAL B 189 40.26 -18.53 -15.59
CA VAL B 189 40.48 -17.97 -16.92
C VAL B 189 41.84 -18.43 -17.42
N HIS B 190 41.90 -18.80 -18.70
CA HIS B 190 43.12 -19.29 -19.33
C HIS B 190 43.59 -18.29 -20.38
N THR B 191 44.65 -17.54 -20.04
CA THR B 191 45.18 -16.46 -20.86
C THR B 191 46.53 -16.88 -21.45
N ASP B 192 47.14 -15.98 -22.22
CA ASP B 192 48.36 -16.31 -22.98
C ASP B 192 49.54 -15.40 -22.64
N ASN B 193 49.70 -15.04 -21.38
CA ASN B 193 50.90 -14.35 -20.88
C ASN B 193 51.13 -12.99 -21.54
N GLY B 194 50.25 -12.56 -22.44
CA GLY B 194 50.33 -11.24 -23.02
C GLY B 194 50.31 -10.15 -21.99
N SER B 195 50.77 -8.94 -22.35
CA SER B 195 50.92 -7.87 -21.38
C SER B 195 49.59 -7.51 -20.73
N ASN B 196 48.53 -7.39 -21.54
CA ASN B 196 47.23 -7.06 -20.98
C ASN B 196 46.76 -8.14 -20.01
N PHE B 197 47.04 -9.40 -20.32
CA PHE B 197 46.56 -10.50 -19.49
C PHE B 197 47.38 -10.71 -18.22
N THR B 198 48.37 -9.86 -17.95
CA THR B 198 49.22 -10.02 -16.78
C THR B 198 49.32 -8.77 -15.94
N SER B 199 48.62 -7.70 -16.33
CA SER B 199 48.73 -6.43 -15.66
C SER B 199 48.20 -6.50 -14.23
N THR B 200 48.61 -5.51 -13.43
CA THR B 200 48.18 -5.45 -12.04
C THR B 200 46.68 -5.21 -11.94
N THR B 201 46.11 -4.54 -12.93
CA THR B 201 44.68 -4.24 -12.89
C THR B 201 43.85 -5.48 -13.21
N VAL B 202 44.28 -6.29 -14.17
CA VAL B 202 43.55 -7.53 -14.47
C VAL B 202 43.63 -8.48 -13.30
N LYS B 203 44.80 -8.55 -12.67
CA LYS B 203 44.97 -9.39 -11.48
C LYS B 203 44.11 -8.90 -10.32
N ALA B 204 44.04 -7.59 -10.10
CA ALA B 204 43.18 -7.06 -9.05
C ALA B 204 41.71 -7.32 -9.33
N ALA B 205 41.31 -7.29 -10.60
CA ALA B 205 39.93 -7.59 -10.94
C ALA B 205 39.62 -9.07 -10.74
N CYS B 206 40.58 -9.95 -11.06
CA CYS B 206 40.39 -11.37 -10.81
C CYS B 206 40.39 -11.66 -9.31
N TRP B 207 41.11 -10.85 -8.54
CA TRP B 207 41.06 -10.99 -7.09
C TRP B 207 39.71 -10.56 -6.55
N TRP B 208 39.15 -9.46 -7.08
CA TRP B 208 37.85 -9.00 -6.62
C TRP B 208 36.76 -9.99 -6.99
N ALA B 209 36.75 -10.46 -8.23
CA ALA B 209 35.74 -11.40 -8.70
C ALA B 209 35.95 -12.82 -8.19
N GLY B 210 37.09 -13.10 -7.56
CA GLY B 210 37.41 -14.45 -7.16
C GLY B 210 37.65 -15.37 -8.34
N ILE B 211 38.40 -14.91 -9.32
CA ILE B 211 38.76 -15.69 -10.49
C ILE B 211 40.21 -16.13 -10.36
N LYS B 212 40.48 -17.40 -10.66
CA LYS B 212 41.85 -17.89 -10.74
C LYS B 212 42.38 -17.68 -12.14
N GLN B 213 43.64 -17.27 -12.23
CA GLN B 213 44.30 -17.07 -13.52
C GLN B 213 45.34 -18.15 -13.72
N LYS B 214 45.30 -18.81 -14.87
CA LYS B 214 46.32 -19.76 -15.29
C LYS B 214 46.90 -19.31 -16.63
N PHE B 215 48.21 -19.11 -16.67
CA PHE B 215 48.90 -18.66 -17.87
C PHE B 215 49.57 -19.82 -18.59
N GLY B 225 44.42 -24.44 -27.74
CA GLY B 225 44.06 -24.86 -29.08
C GLY B 225 42.63 -24.53 -29.45
N VAL B 226 41.71 -24.75 -28.52
CA VAL B 226 40.30 -24.49 -28.78
C VAL B 226 40.07 -23.01 -29.06
N ILE B 227 40.78 -22.14 -28.33
CA ILE B 227 40.65 -20.71 -28.56
C ILE B 227 40.97 -20.34 -30.01
N GLU B 228 41.97 -20.98 -30.61
CA GLU B 228 42.36 -20.65 -31.97
C GLU B 228 41.29 -21.07 -32.97
N SER B 229 40.77 -22.29 -32.85
CA SER B 229 39.75 -22.76 -33.78
C SER B 229 38.48 -21.95 -33.65
N MET B 230 38.12 -21.60 -32.41
CA MET B 230 36.95 -20.78 -32.19
C MET B 230 37.15 -19.39 -32.78
N ASN B 231 38.37 -18.84 -32.70
CA ASN B 231 38.64 -17.57 -33.36
C ASN B 231 38.49 -17.71 -34.87
N LYS B 232 38.87 -18.85 -35.42
CA LYS B 232 38.70 -19.04 -36.86
C LYS B 232 37.22 -19.06 -37.23
N GLU B 233 36.42 -19.79 -36.45
CA GLU B 233 34.98 -19.81 -36.69
C GLU B 233 34.37 -18.41 -36.56
N LEU B 234 34.81 -17.66 -35.57
CA LEU B 234 34.30 -16.31 -35.37
C LEU B 234 34.65 -15.42 -36.54
N LYS B 235 35.88 -15.51 -37.05
CA LYS B 235 36.27 -14.68 -38.20
C LYS B 235 35.51 -15.11 -39.45
N LYS B 236 35.19 -16.40 -39.56
CA LYS B 236 34.38 -16.84 -40.69
C LYS B 236 32.99 -16.23 -40.64
N ILE B 237 32.33 -16.27 -39.49
CA ILE B 237 31.01 -15.67 -39.38
C ILE B 237 31.09 -14.15 -39.56
N ILE B 238 32.11 -13.52 -38.97
CA ILE B 238 32.31 -12.08 -39.12
C ILE B 238 32.44 -11.72 -40.60
N GLY B 239 33.10 -12.58 -41.38
CA GLY B 239 33.16 -12.34 -42.81
C GLY B 239 31.83 -12.51 -43.50
N GLN B 240 31.06 -13.52 -43.07
CA GLN B 240 29.75 -13.72 -43.68
C GLN B 240 28.80 -12.55 -43.42
N VAL B 241 28.99 -11.82 -42.31
CA VAL B 241 28.01 -10.81 -41.95
C VAL B 241 28.60 -9.42 -41.87
N ARG B 242 29.84 -9.21 -42.32
CA ARG B 242 30.43 -7.89 -42.29
C ARG B 242 29.65 -6.88 -43.14
N ASP B 243 28.96 -7.37 -44.17
CA ASP B 243 28.26 -6.45 -45.07
C ASP B 243 26.91 -6.01 -44.52
N GLN B 244 26.36 -6.73 -43.55
CA GLN B 244 25.08 -6.38 -42.96
C GLN B 244 25.20 -5.28 -41.91
N ALA B 245 26.40 -4.71 -41.74
CA ALA B 245 26.64 -3.73 -40.71
C ALA B 245 27.69 -2.74 -41.21
N GLU B 246 27.78 -1.61 -40.52
CA GLU B 246 28.77 -0.62 -40.89
C GLU B 246 30.03 -0.71 -40.05
N HIS B 247 29.89 -0.73 -38.73
CA HIS B 247 31.02 -0.79 -37.82
C HIS B 247 31.34 -2.23 -37.49
N LEU B 248 32.62 -2.48 -37.20
CA LEU B 248 33.06 -3.85 -36.98
C LEU B 248 32.53 -4.38 -35.64
N LYS B 249 32.23 -3.49 -34.69
CA LYS B 249 31.69 -3.94 -33.41
C LYS B 249 30.30 -4.55 -33.58
N THR B 250 29.46 -3.94 -34.41
CA THR B 250 28.15 -4.51 -34.66
C THR B 250 28.26 -5.87 -35.32
N ALA B 251 29.15 -5.99 -36.30
CA ALA B 251 29.35 -7.27 -36.98
C ALA B 251 29.88 -8.32 -36.01
N VAL B 252 30.76 -7.92 -35.09
CA VAL B 252 31.27 -8.87 -34.11
C VAL B 252 30.16 -9.40 -33.24
N GLN B 253 29.27 -8.51 -32.80
CA GLN B 253 28.15 -8.97 -31.97
C GLN B 253 27.16 -9.82 -32.79
N MET B 254 26.96 -9.48 -34.07
CA MET B 254 26.11 -10.30 -34.93
C MET B 254 26.69 -11.71 -35.07
N ALA B 255 28.01 -11.79 -35.23
CA ALA B 255 28.67 -13.08 -35.36
C ALA B 255 28.57 -13.88 -34.06
N VAL B 256 28.72 -13.19 -32.93
CA VAL B 256 28.58 -13.86 -31.65
C VAL B 256 27.18 -14.44 -31.50
N PHE B 257 26.18 -13.69 -31.92
CA PHE B 257 24.81 -14.16 -31.87
C PHE B 257 24.63 -15.41 -32.75
N ILE B 258 25.15 -15.35 -33.98
CA ILE B 258 25.03 -16.47 -34.90
C ILE B 258 25.73 -17.70 -34.33
N HIS B 259 26.88 -17.51 -33.71
CA HIS B 259 27.63 -18.64 -33.18
C HIS B 259 26.94 -19.25 -31.96
N ASN B 260 26.33 -18.41 -31.14
CA ASN B 260 25.80 -18.92 -29.89
C ASN B 260 24.40 -19.51 -30.05
N PHE B 261 23.63 -19.06 -31.03
CA PHE B 261 22.24 -19.49 -31.10
C PHE B 261 21.79 -19.97 -32.48
N LYS B 262 22.58 -19.75 -33.52
CA LYS B 262 22.16 -20.13 -34.87
C LYS B 262 23.04 -21.24 -35.45
N ARG B 263 24.00 -21.73 -34.70
CA ARG B 263 24.88 -22.79 -35.17
C ARG B 263 24.65 -24.03 -34.31
N LYS B 264 23.79 -24.92 -34.78
CA LYS B 264 23.49 -26.15 -34.07
C LYS B 264 24.43 -27.24 -34.56
N GLY B 265 25.16 -27.84 -33.64
CA GLY B 265 26.06 -28.92 -33.97
C GLY B 265 26.21 -29.86 -32.81
N GLY B 266 27.31 -30.60 -32.76
CA GLY B 266 27.53 -31.55 -31.70
C GLY B 266 26.58 -32.72 -31.78
N ILE B 267 26.65 -33.57 -30.75
CA ILE B 267 25.85 -34.79 -30.72
C ILE B 267 24.37 -34.46 -30.81
N GLY B 268 23.83 -33.86 -29.76
CA GLY B 268 22.42 -33.60 -29.65
C GLY B 268 21.89 -32.44 -30.44
N GLY B 269 22.64 -31.92 -31.40
CA GLY B 269 22.13 -30.88 -32.27
C GLY B 269 21.75 -29.61 -31.54
N TYR B 270 22.55 -29.22 -30.56
CA TYR B 270 22.25 -28.04 -29.78
C TYR B 270 23.13 -26.87 -30.20
N SER B 271 22.73 -25.69 -29.75
CA SER B 271 23.58 -24.53 -29.90
C SER B 271 24.49 -24.41 -28.68
N ALA B 272 25.50 -23.55 -28.79
CA ALA B 272 26.36 -23.30 -27.65
C ALA B 272 25.60 -22.73 -26.47
N GLY B 273 24.52 -21.97 -26.72
CA GLY B 273 23.76 -21.39 -25.62
C GLY B 273 23.00 -22.45 -24.83
N GLU B 274 22.31 -23.35 -25.53
CA GLU B 274 21.65 -24.46 -24.86
C GLU B 274 22.66 -25.30 -24.09
N ARG B 275 23.81 -25.57 -24.68
CA ARG B 275 24.83 -26.37 -24.02
C ARG B 275 25.34 -25.69 -22.76
N ILE B 276 25.62 -24.40 -22.83
CA ILE B 276 26.17 -23.72 -21.65
C ILE B 276 25.13 -23.64 -20.55
N VAL B 277 23.86 -23.47 -20.92
CA VAL B 277 22.81 -23.47 -19.91
C VAL B 277 22.69 -24.84 -19.24
N ASP B 278 22.70 -25.91 -20.03
CA ASP B 278 22.70 -27.26 -19.46
C ASP B 278 23.89 -27.48 -18.54
N ILE B 279 25.10 -27.10 -18.98
CA ILE B 279 26.30 -27.37 -18.19
C ILE B 279 26.26 -26.59 -16.88
N ILE B 280 25.81 -25.33 -16.93
CA ILE B 280 25.76 -24.54 -15.71
C ILE B 280 24.66 -25.04 -14.78
N ALA B 281 23.56 -25.52 -15.33
CA ALA B 281 22.52 -26.13 -14.51
C ALA B 281 23.05 -27.37 -13.80
N THR B 282 23.78 -28.22 -14.53
CA THR B 282 24.42 -29.37 -13.91
C THR B 282 25.35 -28.94 -12.78
N ASP B 283 26.12 -27.87 -13.01
CA ASP B 283 27.06 -27.42 -11.99
C ASP B 283 26.34 -26.89 -10.77
N ILE B 284 25.19 -26.22 -10.96
CA ILE B 284 24.42 -25.77 -9.80
C ILE B 284 23.91 -26.96 -9.01
N GLN B 285 23.41 -27.99 -9.71
CA GLN B 285 23.03 -29.23 -9.03
C GLN B 285 24.19 -29.81 -8.23
N THR B 286 25.39 -29.77 -8.81
CA THR B 286 26.57 -30.29 -8.15
C THR B 286 26.88 -29.53 -6.87
N LYS B 287 26.82 -28.21 -6.96
CA LYS B 287 27.09 -27.35 -5.81
C LYS B 287 26.07 -27.58 -4.70
N GLU B 288 24.81 -27.77 -5.08
CA GLU B 288 23.75 -27.97 -4.09
C GLU B 288 23.91 -29.32 -3.41
N LEU B 289 24.24 -30.36 -4.18
CA LEU B 289 24.50 -31.67 -3.58
C LEU B 289 25.70 -31.61 -2.64
N GLN B 290 26.73 -30.85 -3.00
CA GLN B 290 27.88 -30.74 -2.13
C GLN B 290 27.53 -30.01 -0.84
N LYS B 291 26.66 -29.00 -0.93
CA LYS B 291 26.23 -28.31 0.28
C LYS B 291 25.44 -29.23 1.19
N GLN B 292 24.55 -30.05 0.61
CA GLN B 292 23.82 -31.03 1.39
C GLN B 292 24.75 -32.01 2.09
N ILE B 293 25.73 -32.53 1.34
CA ILE B 293 26.69 -33.46 1.93
C ILE B 293 27.47 -32.80 3.06
N THR B 294 27.89 -31.55 2.87
CA THR B 294 28.66 -30.86 3.90
C THR B 294 27.83 -30.63 5.15
N LYS B 295 26.58 -30.20 4.97
CA LYS B 295 25.64 -30.14 6.08
C LYS B 295 25.61 -31.46 6.85
N ILE B 296 25.26 -32.56 6.18
CA ILE B 296 25.01 -33.81 6.89
C ILE B 296 26.27 -34.45 7.46
N GLN B 297 27.44 -34.18 6.90
CA GLN B 297 28.68 -34.84 7.30
C GLN B 297 29.13 -34.50 8.72
N ASN B 298 28.44 -33.61 9.41
CA ASN B 298 28.83 -33.24 10.76
C ASN B 298 28.02 -33.97 11.83
N PHE B 299 27.08 -34.83 11.44
CA PHE B 299 26.20 -35.51 12.38
C PHE B 299 26.72 -36.91 12.71
N ARG B 300 26.34 -37.38 13.89
CA ARG B 300 26.66 -38.73 14.34
C ARG B 300 25.37 -39.40 14.84
N VAL B 301 25.18 -40.66 14.47
CA VAL B 301 23.93 -41.36 14.69
C VAL B 301 24.16 -42.60 15.55
N TYR B 302 23.18 -42.91 16.38
CA TYR B 302 23.15 -44.11 17.20
C TYR B 302 21.76 -44.73 17.08
N TYR B 303 21.70 -45.99 16.67
CA TYR B 303 20.45 -46.63 16.28
C TYR B 303 20.29 -47.97 16.98
N ARG B 304 19.03 -48.37 17.15
CA ARG B 304 18.64 -49.60 17.84
C ARG B 304 19.29 -49.69 19.22
N TRP B 311 21.88 -49.73 21.69
CA TRP B 311 22.40 -48.69 20.81
C TRP B 311 23.74 -49.12 20.20
N LYS B 312 23.77 -49.19 18.88
CA LYS B 312 24.96 -49.63 18.16
C LYS B 312 26.02 -48.51 18.20
N GLY B 313 27.08 -48.68 17.42
CA GLY B 313 28.15 -47.73 17.40
C GLY B 313 27.77 -46.47 16.65
N PRO B 314 28.75 -45.55 16.52
CA PRO B 314 28.51 -44.30 15.78
C PRO B 314 28.39 -44.58 14.29
N ALA B 315 27.32 -44.07 13.69
CA ALA B 315 27.05 -44.26 12.28
C ALA B 315 26.93 -42.90 11.59
N LYS B 316 27.15 -42.91 10.27
CA LYS B 316 27.15 -41.68 9.49
C LYS B 316 25.79 -41.46 8.87
N LEU B 317 25.29 -40.23 9.00
CA LEU B 317 23.98 -39.87 8.50
C LEU B 317 24.03 -39.57 7.01
N LEU B 318 23.01 -40.04 6.29
CA LEU B 318 22.89 -39.82 4.86
C LEU B 318 21.62 -39.10 4.46
N TRP B 319 20.56 -39.20 5.26
CA TRP B 319 19.29 -38.59 4.91
C TRP B 319 18.38 -38.68 6.12
N LYS B 320 17.58 -37.64 6.32
CA LYS B 320 16.61 -37.60 7.41
C LYS B 320 15.23 -37.37 6.78
N GLY B 321 14.77 -38.39 6.06
CA GLY B 321 13.48 -38.34 5.40
C GLY B 321 12.34 -38.22 6.39
N GLU B 322 11.13 -38.17 5.84
CA GLU B 322 9.93 -38.02 6.64
C GLU B 322 9.40 -39.33 7.18
N GLY B 323 9.82 -40.46 6.62
CA GLY B 323 9.34 -41.75 7.09
C GLY B 323 10.45 -42.68 7.49
N ALA B 324 11.69 -42.32 7.18
CA ALA B 324 12.83 -43.18 7.44
C ALA B 324 14.06 -42.32 7.68
N VAL B 325 15.12 -42.96 8.16
CA VAL B 325 16.43 -42.34 8.31
C VAL B 325 17.45 -43.28 7.68
N VAL B 326 18.21 -42.80 6.73
CA VAL B 326 19.26 -43.59 6.09
C VAL B 326 20.59 -43.26 6.76
N ILE B 327 21.35 -44.30 7.08
CA ILE B 327 22.67 -44.15 7.67
C ILE B 327 23.63 -45.08 6.93
N GLN B 328 24.89 -45.06 7.33
CA GLN B 328 25.91 -45.90 6.74
C GLN B 328 26.85 -46.36 7.84
N ASP B 329 26.84 -47.66 8.12
CA ASP B 329 27.66 -48.25 9.18
C ASP B 329 28.48 -49.37 8.58
N ASN B 330 29.78 -49.36 8.84
CA ASN B 330 30.71 -50.40 8.37
C ASN B 330 30.56 -50.61 6.86
N SER B 331 30.50 -49.51 6.12
CA SER B 331 30.36 -49.51 4.67
C SER B 331 29.07 -50.20 4.22
N ASP B 332 28.03 -50.12 5.05
CA ASP B 332 26.74 -50.73 4.75
C ASP B 332 25.64 -49.71 4.99
N ILE B 333 24.84 -49.46 3.96
CA ILE B 333 23.79 -48.44 3.99
C ILE B 333 22.52 -49.08 4.53
N LYS B 334 22.16 -48.72 5.76
CA LYS B 334 21.07 -49.34 6.50
C LYS B 334 19.98 -48.30 6.79
N VAL B 335 18.74 -48.64 6.45
CA VAL B 335 17.59 -47.77 6.65
C VAL B 335 16.89 -48.14 7.94
N VAL B 336 16.66 -47.15 8.80
CA VAL B 336 16.03 -47.38 10.10
C VAL B 336 14.97 -46.31 10.37
N PRO B 337 13.97 -46.59 11.19
CA PRO B 337 12.97 -45.56 11.53
C PRO B 337 13.59 -44.43 12.35
N ARG B 338 12.82 -43.35 12.46
CA ARG B 338 13.32 -42.16 13.11
C ARG B 338 13.32 -42.33 14.63
N ARG B 339 12.29 -42.97 15.16
CA ARG B 339 12.23 -43.23 16.60
C ARG B 339 13.30 -44.20 17.04
N LYS B 340 13.73 -45.11 16.15
CA LYS B 340 14.72 -46.12 16.48
C LYS B 340 16.15 -45.59 16.44
N ALA B 341 16.35 -44.30 16.14
CA ALA B 341 17.67 -43.73 16.02
C ALA B 341 17.72 -42.37 16.70
N LYS B 342 18.90 -42.01 17.19
CA LYS B 342 19.10 -40.75 17.90
C LYS B 342 20.24 -39.98 17.25
N ILE B 343 19.89 -38.94 16.51
CA ILE B 343 20.86 -38.10 15.81
C ILE B 343 21.43 -37.10 16.79
N ILE B 344 22.74 -36.88 16.72
CA ILE B 344 23.41 -35.83 17.48
C ILE B 344 24.34 -35.08 16.54
N ARG B 345 25.14 -34.20 17.11
CA ARG B 345 26.07 -33.37 16.34
C ARG B 345 27.45 -33.45 16.95
N ASP B 346 28.42 -33.93 16.17
CA ASP B 346 29.81 -33.98 16.60
C ASP B 346 30.72 -33.31 15.58
N GLU C 288 9.28 -45.17 -20.22
CA GLU C 288 8.62 -44.65 -21.42
C GLU C 288 7.79 -43.40 -21.12
N LEU C 289 6.58 -43.39 -21.69
CA LEU C 289 5.66 -42.28 -21.51
C LEU C 289 5.43 -41.98 -20.03
N GLN C 290 5.40 -43.01 -19.19
CA GLN C 290 5.22 -42.78 -17.75
C GLN C 290 6.42 -42.04 -17.17
N LYS C 291 7.62 -42.40 -17.59
CA LYS C 291 8.82 -41.72 -17.09
C LYS C 291 8.80 -40.26 -17.50
N GLN C 292 8.45 -40.00 -18.76
CA GLN C 292 8.37 -38.63 -19.25
C GLN C 292 7.36 -37.82 -18.44
N ILE C 293 6.18 -38.41 -18.17
CA ILE C 293 5.13 -37.67 -17.47
C ILE C 293 5.56 -37.36 -16.03
N THR C 294 6.17 -38.34 -15.36
CA THR C 294 6.71 -38.07 -14.03
C THR C 294 7.80 -37.00 -14.07
N LYS C 295 8.60 -36.97 -15.14
CA LYS C 295 9.63 -35.95 -15.25
C LYS C 295 9.02 -34.56 -15.35
N ILE C 296 8.08 -34.39 -16.28
CA ILE C 296 7.28 -33.16 -16.34
C ILE C 296 6.77 -32.81 -14.96
N GLN C 297 6.32 -33.82 -14.22
CA GLN C 297 5.68 -33.54 -12.94
C GLN C 297 6.67 -33.25 -11.82
N ASN C 298 7.97 -33.41 -12.06
CA ASN C 298 8.97 -32.92 -11.12
C ASN C 298 9.13 -31.40 -11.10
N PHE C 299 8.80 -30.71 -12.20
CA PHE C 299 8.97 -29.27 -12.26
C PHE C 299 7.94 -28.55 -11.39
N ARG C 300 8.33 -27.39 -10.88
CA ARG C 300 7.45 -26.60 -10.02
C ARG C 300 6.98 -25.37 -10.78
N VAL C 301 5.82 -24.85 -10.38
CA VAL C 301 5.26 -23.67 -11.01
C VAL C 301 4.90 -22.67 -9.93
N TYR C 302 5.46 -21.49 -10.02
CA TYR C 302 4.99 -20.33 -9.28
C TYR C 302 4.10 -19.54 -10.21
N TYR C 303 2.99 -19.04 -9.69
CA TYR C 303 1.97 -18.45 -10.54
C TYR C 303 1.21 -17.41 -9.75
N ARG C 304 0.53 -16.53 -10.47
CA ARG C 304 -0.33 -15.54 -9.86
C ARG C 304 -1.70 -15.62 -10.49
N ASP C 305 -2.70 -15.22 -9.72
CA ASP C 305 -4.05 -15.10 -10.24
C ASP C 305 -4.32 -13.67 -10.68
N SER C 306 -5.31 -13.51 -11.55
CA SER C 306 -5.51 -12.28 -12.29
C SER C 306 -5.71 -11.03 -11.41
N ARG C 307 -6.00 -11.20 -10.13
CA ARG C 307 -6.15 -10.02 -9.28
C ARG C 307 -5.36 -10.07 -7.97
N ASP C 308 -4.59 -11.13 -7.73
CA ASP C 308 -3.77 -11.23 -6.53
C ASP C 308 -2.30 -11.05 -6.91
N PRO C 309 -1.61 -10.05 -6.37
CA PRO C 309 -0.18 -9.88 -6.72
C PRO C 309 0.77 -10.84 -6.01
N VAL C 310 0.33 -11.56 -4.97
CA VAL C 310 1.19 -12.56 -4.36
C VAL C 310 1.40 -13.72 -5.32
N TRP C 311 2.65 -14.13 -5.45
CA TRP C 311 2.96 -15.32 -6.24
C TRP C 311 2.57 -16.55 -5.44
N LYS C 312 1.67 -17.35 -5.99
CA LYS C 312 1.20 -18.54 -5.31
C LYS C 312 2.29 -19.59 -5.32
N GLY C 313 2.48 -20.25 -4.17
CA GLY C 313 3.60 -21.11 -3.91
C GLY C 313 3.74 -22.28 -4.84
N PRO C 314 4.76 -23.11 -4.59
CA PRO C 314 5.17 -24.11 -5.57
C PRO C 314 4.07 -25.11 -5.85
N ALA C 315 3.66 -25.16 -7.11
CA ALA C 315 2.64 -26.09 -7.58
C ALA C 315 3.28 -27.12 -8.49
N LYS C 316 2.46 -28.03 -8.99
CA LYS C 316 2.96 -29.15 -9.77
C LYS C 316 2.58 -29.00 -11.24
N LEU C 317 3.58 -29.14 -12.09
CA LEU C 317 3.40 -28.96 -13.51
C LEU C 317 2.84 -30.23 -14.14
N LEU C 318 1.68 -30.10 -14.76
CA LEU C 318 1.04 -31.21 -15.45
C LEU C 318 1.17 -31.13 -16.96
N TRP C 319 1.13 -29.93 -17.50
CA TRP C 319 1.18 -29.76 -18.94
C TRP C 319 1.72 -28.36 -19.23
N LYS C 320 2.54 -28.26 -20.26
CA LYS C 320 3.14 -27.01 -20.67
C LYS C 320 2.83 -26.78 -22.14
N GLY C 321 2.10 -25.70 -22.42
CA GLY C 321 1.73 -25.35 -23.77
C GLY C 321 2.34 -24.02 -24.18
N GLU C 322 1.98 -23.60 -25.39
CA GLU C 322 2.45 -22.29 -25.87
C GLU C 322 1.78 -21.15 -25.13
N GLY C 323 0.46 -21.21 -24.97
CA GLY C 323 -0.26 -20.12 -24.35
C GLY C 323 -0.59 -20.30 -22.89
N ALA C 324 -0.54 -21.53 -22.38
CA ALA C 324 -0.96 -21.81 -21.02
C ALA C 324 -0.25 -23.04 -20.50
N VAL C 325 -0.13 -23.14 -19.19
CA VAL C 325 0.34 -24.34 -18.52
C VAL C 325 -0.75 -24.81 -17.57
N VAL C 326 -0.91 -26.13 -17.48
CA VAL C 326 -1.86 -26.75 -16.58
C VAL C 326 -1.11 -27.20 -15.33
N ILE C 327 -1.52 -26.69 -14.18
CA ILE C 327 -0.83 -27.00 -12.94
C ILE C 327 -1.76 -27.79 -12.03
N GLN C 328 -1.22 -28.17 -10.89
CA GLN C 328 -1.92 -28.95 -9.90
C GLN C 328 -1.46 -28.47 -8.54
N ASP C 329 -2.27 -27.64 -7.90
CA ASP C 329 -1.90 -26.95 -6.68
C ASP C 329 -2.85 -27.37 -5.56
N ASN C 330 -2.34 -28.23 -4.66
CA ASN C 330 -3.10 -28.65 -3.49
C ASN C 330 -4.39 -29.37 -3.89
N SER C 331 -4.24 -30.52 -4.53
CA SER C 331 -5.37 -31.33 -5.01
C SER C 331 -6.38 -30.47 -5.77
N ASP C 332 -5.92 -29.89 -6.88
CA ASP C 332 -6.72 -28.93 -7.63
C ASP C 332 -6.00 -28.69 -8.97
N ILE C 333 -6.77 -28.63 -10.04
CA ILE C 333 -6.18 -28.46 -11.36
C ILE C 333 -6.59 -27.11 -11.93
N LYS C 334 -5.64 -26.18 -11.95
CA LYS C 334 -5.84 -24.85 -12.48
C LYS C 334 -5.18 -24.76 -13.86
N VAL C 335 -5.70 -23.86 -14.68
CA VAL C 335 -5.08 -23.50 -15.95
C VAL C 335 -4.58 -22.06 -15.85
N VAL C 336 -3.27 -21.89 -15.95
CA VAL C 336 -2.62 -20.61 -15.74
C VAL C 336 -2.04 -20.14 -17.06
N PRO C 337 -2.18 -18.87 -17.42
CA PRO C 337 -1.56 -18.38 -18.67
C PRO C 337 -0.05 -18.30 -18.50
N ARG C 338 0.66 -18.42 -19.62
CA ARG C 338 2.12 -18.50 -19.57
C ARG C 338 2.73 -17.25 -18.95
N ARG C 339 2.16 -16.08 -19.21
CA ARG C 339 2.70 -14.83 -18.70
C ARG C 339 2.53 -14.67 -17.20
N LYS C 340 1.82 -15.58 -16.53
CA LYS C 340 1.68 -15.53 -15.09
C LYS C 340 2.42 -16.66 -14.39
N ALA C 341 3.26 -17.39 -15.12
CA ALA C 341 3.82 -18.64 -14.63
C ALA C 341 5.34 -18.64 -14.70
N LYS C 342 5.98 -18.81 -13.55
CA LYS C 342 7.42 -19.03 -13.45
C LYS C 342 7.66 -20.52 -13.18
N ILE C 343 8.30 -21.22 -14.11
CA ILE C 343 8.53 -22.64 -14.02
C ILE C 343 10.01 -22.89 -13.75
N ILE C 344 10.33 -23.42 -12.57
CA ILE C 344 11.69 -23.85 -12.25
C ILE C 344 11.67 -25.33 -11.85
N ARG C 345 12.87 -25.92 -11.81
CA ARG C 345 13.05 -27.22 -11.19
C ARG C 345 13.43 -27.13 -9.72
N ASP C 346 14.12 -26.06 -9.31
CA ASP C 346 14.59 -25.86 -7.95
C ASP C 346 15.61 -26.93 -7.55
N TYR C 347 16.87 -26.66 -7.87
CA TYR C 347 17.93 -27.67 -7.73
C TYR C 347 18.22 -27.97 -6.26
N GLY C 348 17.98 -27.02 -5.36
CA GLY C 348 18.15 -27.29 -3.94
C GLY C 348 17.24 -28.40 -3.45
N LYS C 349 15.96 -28.33 -3.82
CA LYS C 349 15.02 -29.35 -3.38
C LYS C 349 15.25 -30.67 -4.12
N GLN C 350 15.66 -30.58 -5.37
CA GLN C 350 15.95 -31.78 -6.15
C GLN C 350 17.11 -32.53 -5.51
N MET C 351 18.12 -31.79 -5.04
CA MET C 351 19.27 -32.40 -4.39
C MET C 351 18.95 -32.83 -2.98
N ALA C 352 17.93 -32.23 -2.36
CA ALA C 352 17.56 -32.64 -1.02
C ALA C 352 16.69 -33.91 -1.02
N GLY C 353 16.08 -34.21 -2.16
CA GLY C 353 15.23 -35.39 -2.29
C GLY C 353 13.82 -35.17 -1.78
N ASN D 298 -23.77 -0.24 -23.90
CA ASN D 298 -22.35 0.08 -24.05
C ASN D 298 -21.78 0.59 -22.74
N PHE D 299 -20.76 1.44 -22.83
CA PHE D 299 -20.03 1.91 -21.66
C PHE D 299 -19.53 3.32 -21.86
N ARG D 300 -19.59 4.11 -20.80
CA ARG D 300 -18.94 5.40 -20.72
C ARG D 300 -17.60 5.21 -20.03
N VAL D 301 -16.54 5.80 -20.59
CA VAL D 301 -15.21 5.70 -20.00
C VAL D 301 -14.72 7.10 -19.68
N TYR D 302 -14.39 7.34 -18.42
CA TYR D 302 -13.71 8.55 -18.01
C TYR D 302 -12.29 8.19 -17.63
N TYR D 303 -11.34 9.04 -18.01
CA TYR D 303 -9.94 8.65 -17.88
C TYR D 303 -9.09 9.86 -17.57
N ARG D 304 -7.96 9.59 -16.95
CA ARG D 304 -6.86 10.52 -16.85
C ARG D 304 -5.68 9.97 -17.65
N ASP D 305 -5.24 10.71 -18.65
CA ASP D 305 -4.15 10.20 -19.48
C ASP D 305 -2.88 11.01 -19.30
N SER D 306 -1.76 10.34 -19.54
CA SER D 306 -0.52 10.94 -20.05
C SER D 306 -0.16 12.24 -19.32
N ARG D 307 0.06 12.12 -18.01
CA ARG D 307 0.60 13.16 -17.12
C ARG D 307 -0.35 14.32 -16.88
N ASP D 308 -1.40 14.50 -17.69
CA ASP D 308 -2.38 15.55 -17.45
C ASP D 308 -3.28 15.14 -16.29
N PRO D 309 -3.21 15.80 -15.13
CA PRO D 309 -3.97 15.34 -13.95
C PRO D 309 -5.46 15.60 -14.05
N VAL D 310 -5.89 16.27 -15.11
CA VAL D 310 -7.30 16.57 -15.37
C VAL D 310 -7.94 15.31 -15.93
N TRP D 311 -9.16 15.03 -15.50
CA TRP D 311 -9.88 13.84 -15.98
C TRP D 311 -10.74 14.20 -17.18
N LYS D 312 -10.63 13.41 -18.23
CA LYS D 312 -11.37 13.66 -19.47
C LYS D 312 -12.50 12.65 -19.61
N GLY D 313 -13.19 12.74 -20.75
CA GLY D 313 -14.28 11.84 -21.04
C GLY D 313 -15.62 12.54 -21.04
N PRO D 314 -16.68 11.80 -21.36
CA PRO D 314 -16.76 10.37 -21.60
C PRO D 314 -16.26 9.90 -22.96
N ALA D 315 -15.66 8.72 -23.01
CA ALA D 315 -15.19 8.10 -24.24
C ALA D 315 -15.86 6.74 -24.42
N LYS D 316 -15.73 6.19 -25.61
CA LYS D 316 -16.26 4.86 -25.87
C LYS D 316 -15.19 3.81 -25.55
N LEU D 317 -15.61 2.71 -24.96
CA LEU D 317 -14.73 1.59 -24.66
C LEU D 317 -14.61 0.68 -25.87
N LEU D 318 -13.39 0.38 -26.30
CA LEU D 318 -13.18 -0.53 -27.42
C LEU D 318 -12.72 -1.92 -26.97
N TRP D 319 -11.90 -1.98 -25.95
CA TRP D 319 -11.31 -3.24 -25.48
C TRP D 319 -11.03 -3.10 -24.00
N LYS D 320 -11.24 -4.19 -23.26
CA LYS D 320 -11.05 -4.21 -21.82
C LYS D 320 -10.17 -5.39 -21.46
N GLY D 321 -8.91 -5.14 -21.17
CA GLY D 321 -8.00 -6.14 -20.66
C GLY D 321 -7.92 -6.12 -19.16
N GLU D 322 -6.98 -6.89 -18.63
CA GLU D 322 -6.60 -6.78 -17.23
C GLU D 322 -5.52 -5.72 -17.16
N GLY D 323 -5.77 -4.65 -16.44
CA GLY D 323 -4.79 -3.60 -16.29
C GLY D 323 -4.90 -2.44 -17.25
N ALA D 324 -5.53 -2.62 -18.40
CA ALA D 324 -5.60 -1.51 -19.35
C ALA D 324 -6.88 -1.57 -20.14
N VAL D 325 -7.29 -0.44 -20.71
CA VAL D 325 -8.40 -0.35 -21.64
C VAL D 325 -7.98 0.43 -22.86
N VAL D 326 -8.64 0.17 -23.97
CA VAL D 326 -8.51 0.98 -25.18
C VAL D 326 -9.78 1.78 -25.37
N ILE D 327 -9.67 3.09 -25.36
CA ILE D 327 -10.82 3.98 -25.47
C ILE D 327 -10.76 4.73 -26.79
N GLN D 328 -11.91 5.24 -27.18
CA GLN D 328 -12.08 6.03 -28.40
C GLN D 328 -12.72 7.35 -28.00
N ASP D 329 -11.92 8.41 -27.92
CA ASP D 329 -12.37 9.73 -27.48
C ASP D 329 -12.17 10.72 -28.62
N ASN D 330 -13.27 11.09 -29.29
CA ASN D 330 -13.26 12.09 -30.34
C ASN D 330 -12.31 11.70 -31.48
N SER D 331 -12.50 10.46 -31.94
CA SER D 331 -11.77 9.83 -33.04
C SER D 331 -10.36 9.38 -32.64
N ASP D 332 -9.89 9.74 -31.46
CA ASP D 332 -8.55 9.36 -31.00
C ASP D 332 -8.66 8.01 -30.28
N ILE D 333 -7.83 7.04 -30.66
CA ILE D 333 -7.65 5.84 -29.84
C ILE D 333 -6.58 6.09 -28.80
N LYS D 334 -6.92 5.86 -27.54
CA LYS D 334 -5.98 5.97 -26.45
C LYS D 334 -5.89 4.62 -25.75
N VAL D 335 -4.77 4.38 -25.09
CA VAL D 335 -4.59 3.20 -24.26
C VAL D 335 -4.27 3.71 -22.87
N VAL D 336 -5.02 3.24 -21.88
CA VAL D 336 -5.02 3.82 -20.55
C VAL D 336 -4.93 2.71 -19.52
N PRO D 337 -4.14 2.84 -18.47
CA PRO D 337 -4.20 1.86 -17.38
C PRO D 337 -5.52 1.95 -16.62
N ARG D 338 -6.00 0.80 -16.17
CA ARG D 338 -7.28 0.76 -15.48
C ARG D 338 -7.22 1.52 -14.16
N ARG D 339 -6.03 1.72 -13.60
CA ARG D 339 -5.89 2.64 -12.47
C ARG D 339 -6.29 4.06 -12.84
N LYS D 340 -6.27 4.39 -14.13
CA LYS D 340 -6.49 5.75 -14.60
C LYS D 340 -7.76 5.89 -15.43
N ALA D 341 -8.72 4.99 -15.24
CA ALA D 341 -9.97 5.06 -15.96
C ALA D 341 -11.11 4.64 -15.03
N LYS D 342 -12.32 5.00 -15.45
CA LYS D 342 -13.52 4.52 -14.80
C LYS D 342 -14.54 4.14 -15.87
N ILE D 343 -14.97 2.88 -15.85
CA ILE D 343 -15.91 2.36 -16.82
C ILE D 343 -17.31 2.38 -16.21
N ILE D 344 -18.25 3.03 -16.89
CA ILE D 344 -19.65 2.99 -16.50
C ILE D 344 -20.46 2.24 -17.54
N PHE G 77 31.79 -23.48 12.80
CA PHE G 77 31.68 -22.52 11.72
C PHE G 77 32.84 -21.53 11.71
N LEU G 78 33.84 -21.78 12.56
CA LEU G 78 34.97 -20.86 12.66
C LEU G 78 35.61 -20.57 11.31
N ASP G 79 35.88 -21.60 10.51
CA ASP G 79 36.40 -21.38 9.17
C ASP G 79 35.39 -20.64 8.30
N GLY G 80 34.12 -21.07 8.36
CA GLY G 80 33.11 -20.46 7.52
C GLY G 80 32.84 -19.01 7.86
N ILE G 81 32.97 -18.65 9.13
CA ILE G 81 32.65 -17.29 9.55
C ILE G 81 33.71 -16.33 9.06
N ASP G 82 34.97 -16.75 9.06
CA ASP G 82 36.05 -15.88 8.61
C ASP G 82 36.00 -15.66 7.11
N LYS G 83 35.62 -16.69 6.36
CA LYS G 83 35.51 -16.53 4.91
C LYS G 83 34.32 -15.67 4.54
N ALA G 84 33.27 -15.68 5.36
CA ALA G 84 32.05 -14.95 5.02
C ALA G 84 32.20 -13.46 5.28
N GLN G 85 32.96 -13.09 6.32
CA GLN G 85 33.23 -11.69 6.56
C GLN G 85 34.19 -11.11 5.52
N GLU G 86 35.19 -11.89 5.11
CA GLU G 86 36.06 -11.47 4.02
C GLU G 86 35.26 -11.25 2.76
N GLU G 87 34.30 -12.12 2.50
CA GLU G 87 33.51 -12.01 1.28
C GLU G 87 32.49 -10.88 1.40
N HIS G 88 31.97 -10.63 2.60
CA HIS G 88 31.01 -9.55 2.78
C HIS G 88 31.64 -8.17 2.65
N GLU G 89 32.93 -8.03 2.99
CA GLU G 89 33.60 -6.75 2.83
C GLU G 89 33.71 -6.36 1.36
N LYS G 90 33.79 -7.34 0.48
CA LYS G 90 33.85 -7.06 -0.95
C LYS G 90 32.46 -6.88 -1.53
N TYR G 91 31.60 -7.87 -1.32
CA TYR G 91 30.35 -7.98 -2.07
C TYR G 91 29.13 -7.51 -1.33
N HIS G 92 29.14 -7.51 0.00
CA HIS G 92 27.95 -7.25 0.80
C HIS G 92 26.81 -8.17 0.38
N SER G 93 27.05 -9.46 0.48
CA SER G 93 26.02 -10.43 0.23
C SER G 93 25.03 -10.44 1.39
N ASN G 94 23.77 -10.70 1.09
CA ASN G 94 22.76 -10.76 2.12
C ASN G 94 22.95 -12.03 2.96
N TRP G 95 22.16 -12.15 4.03
CA TRP G 95 22.37 -13.25 4.96
C TRP G 95 22.14 -14.60 4.30
N ARG G 96 21.15 -14.72 3.40
CA ARG G 96 20.90 -16.00 2.75
C ARG G 96 22.08 -16.44 1.88
N ALA G 97 22.66 -15.53 1.11
CA ALA G 97 23.77 -15.90 0.25
C ALA G 97 24.94 -16.43 1.05
N MET G 98 25.24 -15.80 2.19
CA MET G 98 26.29 -16.28 3.08
C MET G 98 25.95 -17.62 3.70
N ALA G 99 24.76 -17.73 4.28
CA ALA G 99 24.31 -18.99 4.87
C ALA G 99 24.40 -20.13 3.87
N SER G 100 24.11 -19.85 2.61
CA SER G 100 24.12 -20.87 1.58
C SER G 100 25.55 -21.21 1.16
N ASP G 101 26.36 -20.19 0.89
CA ASP G 101 27.67 -20.39 0.28
C ASP G 101 28.77 -20.70 1.28
N PHE G 102 28.49 -20.68 2.57
CA PHE G 102 29.56 -20.95 3.52
C PHE G 102 29.13 -21.78 4.71
N ASN G 103 28.03 -22.51 4.62
CA ASN G 103 27.52 -23.30 5.74
C ASN G 103 27.46 -22.48 7.02
N LEU G 104 26.47 -21.60 7.07
CA LEU G 104 26.28 -20.92 8.32
C LEU G 104 24.81 -20.95 8.72
N PRO G 105 24.50 -21.12 9.99
CA PRO G 105 23.11 -20.97 10.41
C PRO G 105 22.63 -19.58 10.11
N PRO G 106 21.33 -19.41 9.88
CA PRO G 106 20.81 -18.08 9.55
C PRO G 106 21.14 -17.01 10.58
N VAL G 107 21.27 -17.36 11.86
CA VAL G 107 21.50 -16.34 12.88
C VAL G 107 22.90 -15.75 12.74
N VAL G 108 23.89 -16.58 12.40
CA VAL G 108 25.26 -16.10 12.25
C VAL G 108 25.39 -15.26 10.97
N ALA G 109 24.77 -15.72 9.88
CA ALA G 109 24.77 -14.94 8.63
C ALA G 109 24.10 -13.59 8.84
N LYS G 110 22.98 -13.58 9.56
CA LYS G 110 22.28 -12.35 9.83
C LYS G 110 23.11 -11.45 10.72
N GLU G 111 23.88 -12.02 11.64
CA GLU G 111 24.76 -11.21 12.48
C GLU G 111 25.85 -10.54 11.66
N ILE G 112 26.43 -11.28 10.70
CA ILE G 112 27.43 -10.66 9.84
C ILE G 112 26.82 -9.50 9.07
N VAL G 113 25.60 -9.67 8.56
CA VAL G 113 24.95 -8.54 7.89
C VAL G 113 24.74 -7.39 8.88
N ALA G 114 24.28 -7.70 10.09
CA ALA G 114 23.91 -6.67 11.04
C ALA G 114 25.12 -5.98 11.65
N SER G 115 26.32 -6.46 11.38
CA SER G 115 27.51 -5.79 11.86
C SER G 115 28.10 -4.81 10.86
N CYS G 116 27.59 -4.78 9.64
CA CYS G 116 28.12 -3.93 8.57
C CYS G 116 27.32 -2.63 8.52
N ASP G 117 27.99 -1.51 8.76
CA ASP G 117 27.31 -0.23 8.71
C ASP G 117 26.80 0.02 7.29
N LYS G 118 27.52 -0.49 6.30
CA LYS G 118 27.21 -0.22 4.90
C LYS G 118 25.96 -0.94 4.42
N CYS G 119 25.39 -1.85 5.20
CA CYS G 119 24.22 -2.60 4.78
C CYS G 119 22.96 -2.17 5.53
N GLN G 120 23.04 -1.10 6.32
CA GLN G 120 21.89 -0.59 7.08
C GLN G 120 21.22 0.50 6.25
N LEU G 121 20.34 0.07 5.36
CA LEU G 121 19.78 0.97 4.36
C LEU G 121 18.27 0.95 4.26
N LYS G 122 17.56 0.44 5.26
CA LYS G 122 16.13 0.27 5.14
C LYS G 122 15.46 0.41 6.50
N GLY G 123 14.38 1.17 6.55
CA GLY G 123 13.63 1.33 7.77
C GLY G 123 12.60 0.25 7.97
N GLU G 124 12.00 0.25 9.16
CA GLU G 124 10.97 -0.73 9.46
C GLU G 124 9.68 -0.38 8.77
N ALA G 125 9.01 -1.39 8.24
CA ALA G 125 7.83 -1.22 7.39
C ALA G 125 6.58 -1.12 8.26
N MET G 126 6.34 0.08 8.76
CA MET G 126 5.13 0.37 9.50
C MET G 126 4.76 1.82 9.23
N HIS G 127 3.66 2.24 9.82
CA HIS G 127 3.28 3.64 9.85
C HIS G 127 2.83 3.93 11.26
N GLY G 128 3.19 5.11 11.76
CA GLY G 128 2.64 5.60 13.01
C GLY G 128 1.19 6.01 12.87
N GLN G 129 0.68 6.65 13.92
CA GLN G 129 -0.70 7.11 13.94
C GLN G 129 -0.75 8.51 14.55
N VAL G 130 -1.36 9.45 13.83
CA VAL G 130 -1.43 10.83 14.31
C VAL G 130 -2.44 10.94 15.45
N ASP G 131 -2.21 11.93 16.29
CA ASP G 131 -3.12 12.24 17.39
C ASP G 131 -4.48 12.69 16.87
N CYS G 132 -5.55 12.15 17.45
CA CYS G 132 -6.90 12.49 17.03
C CYS G 132 -7.77 12.96 18.20
N SER G 133 -7.15 13.48 19.26
CA SER G 133 -7.89 14.04 20.39
C SER G 133 -8.85 15.15 19.92
N PRO G 134 -9.92 15.41 20.68
CA PRO G 134 -10.94 16.37 20.21
C PRO G 134 -10.40 17.77 19.96
N GLY G 135 -9.30 18.15 20.59
CA GLY G 135 -8.80 19.50 20.46
C GLY G 135 -7.65 19.73 19.49
N ILE G 136 -7.28 18.78 18.65
CA ILE G 136 -6.12 18.94 17.78
C ILE G 136 -6.57 19.44 16.42
N TRP G 137 -5.88 20.45 15.92
CA TRP G 137 -6.06 20.95 14.57
C TRP G 137 -4.74 20.87 13.81
N GLN G 138 -4.80 20.39 12.59
CA GLN G 138 -3.64 20.32 11.71
C GLN G 138 -3.73 21.42 10.66
N LEU G 139 -2.75 22.31 10.66
CA LEU G 139 -2.72 23.43 9.73
C LEU G 139 -1.68 23.20 8.64
N ASP G 140 -1.96 23.75 7.47
CA ASP G 140 -1.01 23.74 6.37
C ASP G 140 -1.41 24.81 5.37
N CYS G 141 -0.44 25.22 4.58
CA CYS G 141 -0.71 26.05 3.41
C CYS G 141 -0.68 25.19 2.16
N THR G 142 -1.47 25.59 1.18
CA THR G 142 -1.46 24.95 -0.11
C THR G 142 -1.53 26.04 -1.16
N HIS G 143 -1.30 25.67 -2.42
CA HIS G 143 -1.14 26.66 -3.48
C HIS G 143 -2.00 26.29 -4.68
N LEU G 144 -2.68 27.29 -5.23
CA LEU G 144 -3.54 27.07 -6.39
C LEU G 144 -3.58 28.37 -7.18
N GLU G 145 -3.42 28.26 -8.50
CA GLU G 145 -3.50 29.41 -9.43
C GLU G 145 -2.67 30.61 -8.95
N GLY G 146 -1.59 30.32 -8.21
CA GLY G 146 -0.70 31.38 -7.80
C GLY G 146 -0.99 32.00 -6.46
N LYS G 147 -2.05 31.55 -5.78
CA LYS G 147 -2.39 32.10 -4.49
C LYS G 147 -2.15 31.07 -3.39
N VAL G 148 -2.08 31.55 -2.16
CA VAL G 148 -1.82 30.71 -1.00
C VAL G 148 -3.12 30.49 -0.24
N ILE G 149 -3.54 29.24 -0.13
CA ILE G 149 -4.72 28.85 0.61
C ILE G 149 -4.28 28.23 1.93
N LEU G 150 -4.64 28.87 3.02
CA LEU G 150 -4.37 28.37 4.37
C LEU G 150 -5.51 27.46 4.81
N VAL G 151 -5.21 26.21 5.13
CA VAL G 151 -6.22 25.21 5.43
C VAL G 151 -6.00 24.65 6.82
N ALA G 152 -7.09 24.56 7.58
CA ALA G 152 -7.10 23.87 8.86
C ALA G 152 -8.10 22.73 8.77
N VAL G 153 -7.79 21.63 9.45
CA VAL G 153 -8.75 20.55 9.62
C VAL G 153 -8.79 20.17 11.09
N HIS G 154 -10.00 19.95 11.59
CA HIS G 154 -10.22 19.33 12.89
C HIS G 154 -10.04 17.82 12.75
N VAL G 155 -9.04 17.27 13.44
CA VAL G 155 -8.57 15.92 13.12
C VAL G 155 -9.64 14.89 13.43
N ALA G 156 -10.35 15.05 14.55
CA ALA G 156 -11.36 14.07 14.96
C ALA G 156 -12.51 13.96 13.95
N SER G 157 -12.89 15.07 13.32
CA SER G 157 -14.10 15.08 12.50
C SER G 157 -13.85 15.18 11.02
N GLY G 158 -12.73 15.78 10.60
CA GLY G 158 -12.55 16.06 9.19
C GLY G 158 -13.09 17.40 8.74
N TYR G 159 -13.47 18.25 9.68
CA TYR G 159 -14.05 19.56 9.40
C TYR G 159 -12.97 20.56 9.02
N ILE G 160 -13.16 21.27 7.93
CA ILE G 160 -12.11 22.17 7.46
C ILE G 160 -12.48 23.64 7.58
N GLU G 161 -11.44 24.46 7.73
CA GLU G 161 -11.54 25.90 7.70
C GLU G 161 -10.42 26.29 6.73
N ALA G 162 -10.75 27.04 5.68
CA ALA G 162 -9.78 27.44 4.67
C ALA G 162 -10.05 28.86 4.20
N GLU G 163 -8.98 29.63 4.00
CA GLU G 163 -9.06 30.97 3.43
C GLU G 163 -7.89 31.23 2.49
N VAL G 164 -8.19 31.85 1.35
CA VAL G 164 -7.15 32.46 0.54
C VAL G 164 -6.54 33.61 1.31
N ILE G 165 -5.22 33.57 1.50
CA ILE G 165 -4.50 34.64 2.17
C ILE G 165 -3.58 35.33 1.18
N PRO G 166 -3.25 36.61 1.40
CA PRO G 166 -2.44 37.33 0.40
C PRO G 166 -1.01 36.84 0.27
N ALA G 167 -0.38 36.38 1.36
CA ALA G 167 0.95 35.81 1.28
C ALA G 167 1.14 34.78 2.39
N GLU G 168 2.20 33.98 2.27
CA GLU G 168 2.50 32.92 3.23
C GLU G 168 3.36 33.50 4.36
N THR G 169 2.74 34.35 5.17
CA THR G 169 3.44 35.09 6.21
C THR G 169 2.85 34.79 7.57
N GLY G 170 3.69 34.94 8.60
CA GLY G 170 3.27 34.68 9.96
C GLY G 170 2.15 35.58 10.45
N GLN G 171 2.06 36.80 9.92
CA GLN G 171 1.00 37.74 10.29
C GLN G 171 -0.43 37.30 9.90
N GLU G 172 -0.58 36.83 8.67
CA GLU G 172 -1.84 36.28 8.19
C GLU G 172 -2.16 34.95 8.86
N THR G 173 -1.12 34.17 9.17
CA THR G 173 -1.34 32.90 9.86
C THR G 173 -1.81 33.13 11.29
N ALA G 174 -1.20 34.09 11.98
CA ALA G 174 -1.62 34.38 13.34
C ALA G 174 -3.06 34.88 13.36
N TYR G 175 -3.45 35.65 12.35
CA TYR G 175 -4.81 36.15 12.28
C TYR G 175 -5.81 35.01 12.02
N PHE G 176 -5.53 34.18 11.01
CA PHE G 176 -6.33 32.98 10.75
C PHE G 176 -6.48 32.13 12.01
N LEU G 177 -5.38 31.92 12.72
CA LEU G 177 -5.39 31.06 13.88
C LEU G 177 -6.20 31.65 15.02
N LEU G 178 -6.12 32.98 15.21
CA LEU G 178 -6.82 33.58 16.32
C LEU G 178 -8.31 33.59 16.04
N LYS G 179 -8.69 33.80 14.78
CA LYS G 179 -10.08 33.61 14.35
C LYS G 179 -10.56 32.20 14.66
N LEU G 180 -9.79 31.19 14.24
CA LEU G 180 -10.15 29.80 14.47
C LEU G 180 -10.36 29.51 15.95
N ALA G 181 -9.45 30.01 16.78
CA ALA G 181 -9.57 29.79 18.23
C ALA G 181 -10.80 30.50 18.78
N GLY G 182 -11.23 31.58 18.15
CA GLY G 182 -12.46 32.22 18.58
C GLY G 182 -13.73 31.54 18.10
N ARG G 183 -13.65 30.90 16.94
CA ARG G 183 -14.74 30.07 16.37
C ARG G 183 -15.04 28.68 16.99
N TRP G 184 -13.99 27.91 17.27
CA TRP G 184 -14.06 26.55 17.78
C TRP G 184 -13.07 26.36 18.89
N PRO G 185 -13.29 25.40 19.76
CA PRO G 185 -12.27 25.09 20.77
C PRO G 185 -11.04 24.50 20.12
N VAL G 186 -9.93 25.21 20.20
CA VAL G 186 -8.63 24.76 19.72
C VAL G 186 -7.74 24.58 20.94
N LYS G 187 -7.21 23.38 21.12
CA LYS G 187 -6.22 23.15 22.17
C LYS G 187 -4.82 23.02 21.62
N THR G 188 -4.68 22.40 20.47
CA THR G 188 -3.39 22.08 19.90
C THR G 188 -3.45 22.27 18.40
N VAL G 189 -2.41 22.86 17.84
CA VAL G 189 -2.24 22.96 16.41
C VAL G 189 -0.97 22.20 16.02
N HIS G 190 -1.04 21.53 14.88
CA HIS G 190 0.02 20.65 14.40
C HIS G 190 0.34 21.00 12.96
N THR G 191 1.54 21.53 12.74
CA THR G 191 1.92 22.01 11.41
C THR G 191 3.28 21.46 11.03
N ASP G 192 3.62 21.60 9.75
CA ASP G 192 5.00 21.42 9.33
C ASP G 192 5.82 22.63 9.78
N ASN G 193 7.08 22.69 9.35
CA ASN G 193 8.00 23.71 9.82
C ASN G 193 8.18 24.85 8.81
N GLY G 194 7.14 25.20 8.07
CA GLY G 194 7.16 26.40 7.25
C GLY G 194 7.39 27.64 8.08
N SER G 195 7.92 28.71 7.47
CA SER G 195 8.29 29.88 8.25
C SER G 195 7.07 30.61 8.82
N ASN G 196 5.95 30.50 8.14
CA ASN G 196 4.73 31.12 8.63
C ASN G 196 4.30 30.51 9.96
N PHE G 197 4.52 29.21 10.13
CA PHE G 197 4.03 28.52 11.31
C PHE G 197 5.00 28.65 12.50
N THR G 198 6.29 28.76 12.24
CA THR G 198 7.28 28.88 13.29
C THR G 198 7.56 30.33 13.66
N SER G 199 6.89 31.26 13.01
CA SER G 199 7.04 32.68 13.29
C SER G 199 6.72 33.02 14.75
N THR G 200 7.36 34.08 15.24
CA THR G 200 7.12 34.55 16.59
C THR G 200 5.71 35.11 16.77
N THR G 201 5.15 35.68 15.72
CA THR G 201 3.80 36.24 15.81
C THR G 201 2.75 35.15 15.95
N VAL G 202 2.90 34.04 15.23
CA VAL G 202 2.04 32.88 15.45
C VAL G 202 2.22 32.35 16.87
N LYS G 203 3.45 32.38 17.39
CA LYS G 203 3.70 31.91 18.74
C LYS G 203 2.97 32.78 19.76
N ALA G 204 2.96 34.10 19.55
CA ALA G 204 2.24 34.98 20.45
C ALA G 204 0.73 34.81 20.34
N ALA G 205 0.25 34.52 19.12
CA ALA G 205 -1.18 34.25 18.97
C ALA G 205 -1.59 32.98 19.71
N CYS G 206 -0.77 31.93 19.64
CA CYS G 206 -1.09 30.70 20.35
C CYS G 206 -1.04 30.91 21.86
N TRP G 207 -0.10 31.73 22.33
CA TRP G 207 0.03 31.93 23.77
C TRP G 207 -1.15 32.72 24.33
N TRP G 208 -1.71 33.63 23.53
CA TRP G 208 -2.86 34.41 23.99
C TRP G 208 -4.13 33.57 24.01
N ALA G 209 -4.31 32.72 22.99
CA ALA G 209 -5.47 31.87 22.88
C ALA G 209 -5.39 30.60 23.72
N GLY G 210 -4.24 30.33 24.33
CA GLY G 210 -4.05 29.09 25.06
C GLY G 210 -3.87 27.87 24.18
N ILE G 211 -3.25 28.03 23.03
CA ILE G 211 -3.07 26.93 22.07
C ILE G 211 -1.65 26.40 22.18
N LYS G 212 -1.52 25.10 22.38
CA LYS G 212 -0.22 24.45 22.31
C LYS G 212 0.13 24.15 20.85
N GLN G 213 1.38 24.41 20.51
CA GLN G 213 1.90 24.16 19.17
C GLN G 213 2.68 22.86 19.19
N LYS G 214 2.48 22.04 18.17
CA LYS G 214 3.28 20.84 17.96
C LYS G 214 3.80 20.88 16.54
N PHE G 215 5.11 20.77 16.40
CA PHE G 215 5.74 20.81 15.09
C PHE G 215 6.15 19.39 14.71
N ALA G 216 5.75 18.97 13.53
CA ALA G 216 6.11 17.66 13.04
C ALA G 216 7.64 17.56 12.88
N ILE G 217 8.10 16.33 12.72
CA ILE G 217 9.47 16.04 12.30
C ILE G 217 9.68 16.72 10.94
N PRO G 218 10.79 17.44 10.76
CA PRO G 218 11.00 18.14 9.49
C PRO G 218 11.03 17.19 8.30
N TYR G 219 10.33 17.61 7.24
CA TYR G 219 10.28 16.89 5.98
C TYR G 219 9.68 15.50 6.13
N ASN G 220 8.72 15.35 7.03
CA ASN G 220 7.90 14.15 7.13
C ASN G 220 6.44 14.55 6.97
N PRO G 221 5.98 14.69 5.72
CA PRO G 221 4.57 15.06 5.50
C PRO G 221 3.56 14.06 6.05
N GLN G 222 3.95 12.78 6.15
CA GLN G 222 3.09 11.76 6.74
C GLN G 222 2.64 12.17 8.14
N SER G 223 3.45 12.96 8.86
CA SER G 223 3.05 13.46 10.15
C SER G 223 1.87 14.42 10.04
N ARG G 224 1.77 15.15 8.93
CA ARG G 224 0.64 16.02 8.69
C ARG G 224 -0.36 15.37 7.74
N GLY G 225 -0.32 14.04 7.67
CA GLY G 225 -1.16 13.28 6.75
C GLY G 225 -2.61 13.71 6.66
N VAL G 226 -3.25 14.01 7.79
CA VAL G 226 -4.65 14.44 7.77
C VAL G 226 -4.82 15.73 6.96
N ILE G 227 -4.05 16.76 7.31
CA ILE G 227 -4.22 18.02 6.58
C ILE G 227 -3.75 17.91 5.14
N GLU G 228 -2.73 17.09 4.86
CA GLU G 228 -2.30 16.95 3.46
C GLU G 228 -3.38 16.28 2.62
N SER G 229 -4.06 15.30 3.20
CA SER G 229 -5.17 14.66 2.50
C SER G 229 -6.33 15.64 2.33
N MET G 230 -6.56 16.49 3.33
CA MET G 230 -7.57 17.54 3.18
C MET G 230 -7.20 18.54 2.09
N ASN G 231 -5.91 18.84 1.94
CA ASN G 231 -5.47 19.64 0.79
C ASN G 231 -5.93 19.01 -0.51
N LYS G 232 -5.67 17.72 -0.67
CA LYS G 232 -6.07 17.03 -1.90
C LYS G 232 -7.59 17.12 -2.11
N GLU G 233 -8.35 16.84 -1.06
CA GLU G 233 -9.81 16.87 -1.15
C GLU G 233 -10.37 18.25 -1.46
N LEU G 234 -9.83 19.29 -0.84
CA LEU G 234 -10.28 20.65 -1.07
C LEU G 234 -9.94 21.09 -2.48
N LYS G 235 -8.77 20.71 -2.99
CA LYS G 235 -8.43 21.07 -4.37
C LYS G 235 -9.34 20.34 -5.35
N LYS G 236 -9.69 19.09 -5.07
CA LYS G 236 -10.61 18.36 -5.94
C LYS G 236 -11.99 19.04 -5.99
N ILE G 237 -12.50 19.49 -4.84
CA ILE G 237 -13.80 20.14 -4.83
C ILE G 237 -13.72 21.50 -5.53
N ILE G 238 -12.67 22.28 -5.24
CA ILE G 238 -12.47 23.55 -5.93
C ILE G 238 -12.47 23.33 -7.44
N GLY G 239 -11.85 22.26 -7.89
CA GLY G 239 -11.86 21.97 -9.31
C GLY G 239 -13.24 21.60 -9.82
N GLN G 240 -14.08 21.04 -8.96
CA GLN G 240 -15.44 20.73 -9.39
C GLN G 240 -16.31 21.98 -9.49
N VAL G 241 -16.08 22.98 -8.65
CA VAL G 241 -16.97 24.14 -8.61
C VAL G 241 -16.29 25.44 -9.05
N ARG G 242 -15.12 25.34 -9.68
CA ARG G 242 -14.38 26.54 -10.08
C ARG G 242 -15.18 27.41 -11.05
N ASP G 243 -15.91 26.81 -11.97
CA ASP G 243 -16.65 27.56 -12.98
C ASP G 243 -17.87 28.30 -12.42
N GLN G 244 -18.27 28.03 -11.17
CA GLN G 244 -19.43 28.69 -10.59
C GLN G 244 -19.07 30.00 -9.91
N ALA G 245 -17.80 30.36 -9.91
CA ALA G 245 -17.35 31.59 -9.29
C ALA G 245 -16.39 32.32 -10.22
N GLU G 246 -15.95 33.49 -9.78
CA GLU G 246 -14.94 34.25 -10.49
C GLU G 246 -13.60 34.23 -9.78
N HIS G 247 -13.53 34.76 -8.57
CA HIS G 247 -12.30 34.80 -7.80
C HIS G 247 -12.11 33.49 -7.04
N LEU G 248 -10.84 33.09 -6.90
CA LEU G 248 -10.52 31.85 -6.21
C LEU G 248 -11.00 31.85 -4.76
N LYS G 249 -11.04 33.02 -4.12
CA LYS G 249 -11.48 33.09 -2.74
C LYS G 249 -12.91 32.59 -2.58
N THR G 250 -13.79 32.96 -3.51
CA THR G 250 -15.17 32.51 -3.45
C THR G 250 -15.27 31.01 -3.68
N ALA G 251 -14.57 30.49 -4.69
CA ALA G 251 -14.60 29.06 -4.96
C ALA G 251 -14.06 28.26 -3.78
N VAL G 252 -13.06 28.79 -3.09
CA VAL G 252 -12.52 28.14 -1.90
C VAL G 252 -13.60 28.06 -0.82
N GLN G 253 -14.30 29.16 -0.58
CA GLN G 253 -15.34 29.13 0.45
C GLN G 253 -16.48 28.20 0.06
N MET G 254 -16.85 28.18 -1.22
CA MET G 254 -17.83 27.22 -1.68
C MET G 254 -17.37 25.79 -1.41
N ALA G 255 -16.09 25.50 -1.71
CA ALA G 255 -15.60 24.15 -1.50
C ALA G 255 -15.57 23.79 -0.02
N VAL G 256 -15.31 24.76 0.85
CA VAL G 256 -15.35 24.51 2.28
C VAL G 256 -16.77 24.17 2.72
N PHE G 257 -17.74 24.93 2.22
CA PHE G 257 -19.15 24.60 2.42
C PHE G 257 -19.45 23.16 1.97
N ILE G 258 -19.04 22.82 0.75
CA ILE G 258 -19.38 21.52 0.17
C ILE G 258 -18.77 20.39 1.00
N HIS G 259 -17.53 20.57 1.43
CA HIS G 259 -16.90 19.54 2.25
C HIS G 259 -17.55 19.42 3.61
N ASN G 260 -17.89 20.55 4.22
CA ASN G 260 -18.38 20.52 5.60
C ASN G 260 -19.83 20.06 5.70
N PHE G 261 -20.63 20.19 4.64
CA PHE G 261 -22.06 19.94 4.78
C PHE G 261 -22.69 19.14 3.66
N LYS G 262 -22.01 18.93 2.54
CA LYS G 262 -22.61 18.26 1.39
C LYS G 262 -21.90 16.97 1.01
N ARG G 263 -21.07 16.43 1.89
CA ARG G 263 -20.40 15.14 1.63
C ARG G 263 -20.50 14.31 2.90
N LYS G 264 -21.16 13.17 2.82
CA LYS G 264 -21.40 12.33 3.98
C LYS G 264 -20.64 11.01 3.87
N GLY G 265 -20.08 10.59 4.99
CA GLY G 265 -19.38 9.32 5.08
C GLY G 265 -18.72 9.22 6.44
N GLY G 266 -17.63 8.45 6.49
CA GLY G 266 -16.91 8.36 7.75
C GLY G 266 -17.66 7.57 8.79
N ILE G 267 -17.37 7.87 10.06
CA ILE G 267 -17.69 6.92 11.13
C ILE G 267 -19.20 6.82 11.35
N GLY G 268 -19.88 7.95 11.47
CA GLY G 268 -21.31 7.90 11.69
C GLY G 268 -22.14 8.30 10.48
N GLY G 269 -21.64 8.00 9.27
CA GLY G 269 -22.28 8.45 8.05
C GLY G 269 -22.48 9.95 7.97
N TYR G 270 -21.81 10.70 8.84
CA TYR G 270 -22.04 12.12 9.00
C TYR G 270 -21.45 12.93 7.85
N SER G 271 -21.79 14.20 7.83
CA SER G 271 -20.95 15.20 7.21
C SER G 271 -19.93 15.68 8.24
N ALA G 272 -18.91 16.40 7.77
CA ALA G 272 -17.90 16.90 8.68
C ALA G 272 -18.49 17.88 9.69
N GLY G 273 -19.47 18.69 9.27
CA GLY G 273 -20.09 19.63 10.19
C GLY G 273 -20.87 18.93 11.29
N GLU G 274 -21.77 18.02 10.90
CA GLU G 274 -22.44 17.17 11.87
C GLU G 274 -21.44 16.48 12.78
N ARG G 275 -20.37 15.93 12.19
CA ARG G 275 -19.44 15.14 12.98
C ARG G 275 -18.73 16.00 14.02
N ILE G 276 -18.28 17.20 13.64
CA ILE G 276 -17.61 18.03 14.63
C ILE G 276 -18.59 18.44 15.73
N VAL G 277 -19.85 18.74 15.36
CA VAL G 277 -20.83 19.07 16.38
C VAL G 277 -20.97 17.91 17.37
N ASP G 278 -21.08 16.69 16.84
CA ASP G 278 -21.21 15.52 17.70
C ASP G 278 -19.98 15.32 18.57
N ILE G 279 -18.76 15.42 17.99
CA ILE G 279 -17.54 15.22 18.76
C ILE G 279 -17.48 16.19 19.92
N ILE G 280 -17.71 17.48 19.66
CA ILE G 280 -17.54 18.48 20.71
C ILE G 280 -18.66 18.37 21.75
N ALA G 281 -19.90 18.19 21.28
CA ALA G 281 -21.02 18.00 22.18
C ALA G 281 -20.78 16.80 23.09
N THR G 282 -20.31 15.70 22.51
CA THR G 282 -19.99 14.51 23.30
C THR G 282 -18.90 14.80 24.31
N ASP G 283 -17.85 15.52 23.90
CA ASP G 283 -16.79 15.89 24.84
C ASP G 283 -17.35 16.61 26.05
N ILE G 284 -18.15 17.65 25.82
CA ILE G 284 -18.73 18.42 26.93
C ILE G 284 -19.63 17.53 27.80
N GLN G 285 -20.49 16.75 27.14
CA GLN G 285 -21.48 15.96 27.86
C GLN G 285 -20.84 14.87 28.71
N THR G 286 -19.92 14.10 28.13
CA THR G 286 -19.20 13.08 28.88
C THR G 286 -18.40 13.70 30.02
N LYS G 287 -17.78 14.86 29.79
CA LYS G 287 -17.03 15.50 30.85
C LYS G 287 -17.92 15.77 32.05
N GLU G 288 -19.06 16.42 31.83
CA GLU G 288 -19.99 16.68 32.92
C GLU G 288 -20.50 15.39 33.56
N LEU G 289 -20.88 14.42 32.73
CA LEU G 289 -21.46 13.17 33.23
C LEU G 289 -20.49 12.45 34.16
N GLN G 290 -19.26 12.21 33.70
CA GLN G 290 -18.27 11.55 34.53
C GLN G 290 -17.90 12.39 35.75
N LYS G 291 -17.96 13.71 35.64
CA LYS G 291 -17.77 14.54 36.82
C LYS G 291 -18.79 14.19 37.89
N GLN G 292 -20.06 14.11 37.49
CA GLN G 292 -21.12 13.76 38.44
C GLN G 292 -20.98 12.34 38.95
N ILE G 293 -20.61 11.40 38.08
CA ILE G 293 -20.47 10.01 38.50
C ILE G 293 -19.37 9.86 39.55
N THR G 294 -18.17 10.36 39.24
CA THR G 294 -17.09 10.31 40.22
C THR G 294 -17.44 11.08 41.49
N LYS G 295 -18.22 12.16 41.36
CA LYS G 295 -18.67 12.87 42.55
C LYS G 295 -19.57 11.99 43.42
N ILE G 296 -20.37 11.14 42.79
CA ILE G 296 -21.27 10.28 43.54
C ILE G 296 -20.54 9.00 43.91
N GLN G 297 -20.26 8.17 42.91
CA GLN G 297 -19.60 6.88 43.11
C GLN G 297 -18.20 7.04 43.66
N ASN G 298 -18.06 6.95 44.97
CA ASN G 298 -16.77 7.03 45.65
C ASN G 298 -16.55 5.73 46.41
N PHE G 299 -15.54 4.96 46.01
CA PHE G 299 -15.19 3.72 46.69
C PHE G 299 -13.69 3.49 46.54
N ARG G 300 -13.22 2.41 47.17
CA ARG G 300 -11.83 1.97 47.08
C ARG G 300 -11.80 0.49 46.78
N VAL G 301 -10.84 0.08 45.95
CA VAL G 301 -10.80 -1.28 45.43
C VAL G 301 -9.45 -1.89 45.69
N TYR G 302 -9.45 -3.06 46.34
CA TYR G 302 -8.26 -3.86 46.56
C TYR G 302 -8.29 -5.06 45.63
N TYR G 303 -7.13 -5.43 45.12
CA TYR G 303 -6.99 -6.55 44.21
C TYR G 303 -5.61 -7.17 44.41
N ARG G 304 -5.56 -8.49 44.35
CA ARG G 304 -4.32 -9.26 44.54
C ARG G 304 -3.77 -9.05 45.95
N LYS G 312 -3.20 -5.47 46.57
CA LYS G 312 -2.38 -4.27 46.44
C LYS G 312 -2.83 -3.21 47.44
N GLY G 313 -3.05 -1.99 46.96
CA GLY G 313 -3.46 -0.89 47.81
C GLY G 313 -4.86 -0.40 47.50
N PRO G 314 -5.21 0.77 48.03
CA PRO G 314 -6.56 1.35 47.79
C PRO G 314 -6.68 2.01 46.41
N ALA G 315 -6.96 1.18 45.41
CA ALA G 315 -7.08 1.66 44.05
C ALA G 315 -8.47 2.21 43.80
N LYS G 316 -8.53 3.47 43.37
CA LYS G 316 -9.79 4.14 43.11
C LYS G 316 -10.58 3.39 42.05
N LEU G 317 -11.90 3.40 42.19
CA LEU G 317 -12.78 2.65 41.29
C LEU G 317 -13.24 3.53 40.14
N LEU G 318 -13.15 2.99 38.93
CA LEU G 318 -13.68 3.66 37.75
C LEU G 318 -15.02 3.07 37.32
N TRP G 319 -15.06 1.77 37.06
CA TRP G 319 -16.23 1.10 36.50
C TRP G 319 -16.25 -0.34 36.96
N LYS G 320 -17.46 -0.87 37.16
CA LYS G 320 -17.65 -2.26 37.51
C LYS G 320 -18.79 -2.83 36.68
N GLY G 321 -18.63 -4.10 36.30
CA GLY G 321 -19.70 -4.78 35.59
C GLY G 321 -19.28 -5.93 34.71
N GLU G 322 -20.19 -6.90 34.54
CA GLU G 322 -19.99 -8.04 33.64
C GLU G 322 -18.78 -8.89 34.05
N GLY G 323 -18.51 -8.97 35.35
CA GLY G 323 -17.46 -9.85 35.81
C GLY G 323 -16.07 -9.26 35.74
N ALA G 324 -15.96 -7.99 35.40
CA ALA G 324 -14.66 -7.32 35.40
C ALA G 324 -14.81 -5.97 36.09
N VAL G 325 -13.73 -5.52 36.71
CA VAL G 325 -13.70 -4.23 37.38
C VAL G 325 -12.56 -3.41 36.80
N VAL G 326 -12.81 -2.13 36.58
CA VAL G 326 -11.81 -1.21 36.05
C VAL G 326 -11.40 -0.27 37.18
N ILE G 327 -10.10 -0.13 37.39
CA ILE G 327 -9.56 0.57 38.54
C ILE G 327 -8.30 1.32 38.11
N GLN G 328 -7.83 2.20 39.00
CA GLN G 328 -6.73 3.12 38.70
C GLN G 328 -5.74 3.08 39.87
N ASP G 329 -4.67 2.31 39.72
CA ASP G 329 -3.66 2.15 40.75
C ASP G 329 -2.40 2.92 40.35
N ASN G 330 -2.21 4.08 40.97
CA ASN G 330 -1.05 4.93 40.68
C ASN G 330 -1.02 5.33 39.21
N SER G 331 -2.12 5.91 38.74
CA SER G 331 -2.24 6.43 37.37
C SER G 331 -2.04 5.33 36.32
N ASP G 332 -2.30 4.09 36.71
CA ASP G 332 -2.17 2.95 35.81
C ASP G 332 -3.49 2.21 35.78
N ILE G 333 -4.24 2.37 34.70
CA ILE G 333 -5.58 1.83 34.57
C ILE G 333 -5.47 0.39 34.12
N LYS G 334 -5.94 -0.53 34.96
CA LYS G 334 -5.88 -1.95 34.66
C LYS G 334 -7.25 -2.58 34.86
N VAL G 335 -7.55 -3.56 34.02
CA VAL G 335 -8.83 -4.26 34.06
C VAL G 335 -8.59 -5.61 34.73
N VAL G 336 -8.96 -5.71 35.99
CA VAL G 336 -8.81 -6.96 36.72
C VAL G 336 -10.18 -7.60 36.89
N PRO G 337 -10.29 -8.91 36.74
CA PRO G 337 -11.62 -9.54 36.85
C PRO G 337 -12.20 -9.37 38.25
N ARG G 338 -13.47 -9.74 38.37
CA ARG G 338 -14.16 -9.57 39.65
C ARG G 338 -13.50 -10.41 40.74
N ARG G 339 -13.08 -11.63 40.38
CA ARG G 339 -12.37 -12.48 41.32
C ARG G 339 -11.02 -11.86 41.68
N LYS G 340 -10.71 -11.87 42.98
CA LYS G 340 -9.51 -11.23 43.51
C LYS G 340 -9.58 -9.71 43.28
N ALA G 341 -10.71 -9.14 43.68
CA ALA G 341 -10.92 -7.69 43.65
C ALA G 341 -12.15 -7.39 44.50
N LYS G 342 -11.96 -6.60 45.55
CA LYS G 342 -13.01 -6.25 46.51
C LYS G 342 -13.17 -4.74 46.56
N ILE G 343 -14.42 -4.28 46.64
CA ILE G 343 -14.72 -2.84 46.61
C ILE G 343 -15.16 -2.39 47.99
N ILE G 344 -14.56 -1.30 48.47
CA ILE G 344 -14.83 -0.78 49.80
C ILE G 344 -15.12 0.72 49.71
N LEU H 78 -40.98 -1.24 25.33
CA LEU H 78 -42.15 -1.79 24.64
C LEU H 78 -43.34 -1.80 25.59
N ASP H 79 -43.09 -2.19 26.85
CA ASP H 79 -44.16 -2.29 27.84
C ASP H 79 -44.45 -0.96 28.52
N GLY H 80 -43.53 -0.02 28.50
CA GLY H 80 -43.73 1.30 29.05
C GLY H 80 -44.45 2.28 28.15
N ILE H 81 -45.03 1.81 27.05
CA ILE H 81 -45.78 2.71 26.18
C ILE H 81 -47.01 3.26 26.89
N ASP H 82 -47.75 2.39 27.59
CA ASP H 82 -48.92 2.87 28.34
C ASP H 82 -48.51 3.83 29.43
N LYS H 83 -47.38 3.56 30.09
CA LYS H 83 -46.84 4.50 31.07
C LYS H 83 -46.56 5.85 30.43
N ALA H 84 -46.02 5.85 29.21
CA ALA H 84 -45.75 7.10 28.50
C ALA H 84 -47.04 7.84 28.17
N GLN H 85 -48.06 7.12 27.72
CA GLN H 85 -49.33 7.77 27.43
C GLN H 85 -49.93 8.40 28.68
N GLU H 86 -49.88 7.68 29.80
CA GLU H 86 -50.39 8.23 31.06
C GLU H 86 -49.57 9.44 31.50
N GLU H 87 -48.26 9.40 31.29
CA GLU H 87 -47.41 10.54 31.65
C GLU H 87 -47.73 11.75 30.79
N HIS H 88 -48.02 11.52 29.51
CA HIS H 88 -48.36 12.65 28.64
C HIS H 88 -49.73 13.21 28.99
N GLU H 89 -50.64 12.35 29.44
CA GLU H 89 -51.95 12.84 29.85
C GLU H 89 -51.86 13.63 31.16
N LYS H 90 -51.00 13.21 32.09
CA LYS H 90 -50.89 13.94 33.35
C LYS H 90 -50.10 15.23 33.18
N TYR H 91 -48.89 15.14 32.61
CA TYR H 91 -47.92 16.21 32.68
C TYR H 91 -47.64 16.89 31.35
N HIS H 92 -48.07 16.30 30.23
CA HIS H 92 -47.82 16.85 28.89
C HIS H 92 -46.32 16.98 28.62
N SER H 93 -45.56 15.99 29.07
CA SER H 93 -44.13 15.96 28.78
C SER H 93 -43.88 15.79 27.29
N ASN H 94 -42.71 16.23 26.84
CA ASN H 94 -42.35 16.15 25.43
C ASN H 94 -41.69 14.81 25.13
N TRP H 95 -41.34 14.61 23.85
CA TRP H 95 -40.92 13.29 23.41
C TRP H 95 -39.54 12.92 23.95
N ARG H 96 -38.73 13.91 24.31
CA ARG H 96 -37.39 13.60 24.81
C ARG H 96 -37.45 12.88 26.15
N ALA H 97 -38.18 13.44 27.11
CA ALA H 97 -38.32 12.79 28.41
C ALA H 97 -39.02 11.45 28.28
N MET H 98 -40.05 11.38 27.44
CA MET H 98 -40.82 10.16 27.28
C MET H 98 -40.00 9.06 26.63
N ALA H 99 -38.99 9.42 25.84
CA ALA H 99 -38.15 8.43 25.19
C ALA H 99 -36.92 8.07 26.02
N SER H 100 -36.45 8.98 26.87
CA SER H 100 -35.28 8.70 27.71
C SER H 100 -35.64 8.00 29.01
N ASP H 101 -36.73 8.42 29.65
CA ASP H 101 -37.13 7.80 30.91
C ASP H 101 -37.78 6.45 30.73
N PHE H 102 -38.68 6.32 29.75
CA PHE H 102 -39.50 5.12 29.59
C PHE H 102 -39.00 4.21 28.48
N ASN H 103 -37.83 4.48 27.91
CA ASN H 103 -37.19 3.62 26.91
C ASN H 103 -38.12 3.33 25.74
N LEU H 104 -38.15 4.27 24.81
CA LEU H 104 -38.95 4.13 23.61
C LEU H 104 -38.15 4.63 22.41
N PRO H 105 -38.13 3.88 21.32
CA PRO H 105 -37.66 4.43 20.07
C PRO H 105 -38.34 5.75 19.81
N PRO H 106 -37.58 6.81 19.53
CA PRO H 106 -38.13 8.17 19.58
C PRO H 106 -39.31 8.38 18.66
N VAL H 107 -39.50 7.53 17.66
CA VAL H 107 -40.67 7.66 16.81
C VAL H 107 -41.94 7.29 17.56
N VAL H 108 -41.83 6.36 18.51
CA VAL H 108 -42.97 6.02 19.36
C VAL H 108 -43.36 7.22 20.23
N ALA H 109 -42.38 7.82 20.90
CA ALA H 109 -42.69 8.98 21.73
C ALA H 109 -43.21 10.14 20.89
N LYS H 110 -42.69 10.28 19.67
CA LYS H 110 -43.17 11.33 18.79
C LYS H 110 -44.62 11.10 18.40
N GLU H 111 -45.01 9.84 18.19
CA GLU H 111 -46.42 9.53 17.95
C GLU H 111 -47.28 9.82 19.16
N ILE H 112 -46.82 9.41 20.35
CA ILE H 112 -47.59 9.69 21.55
C ILE H 112 -47.84 11.18 21.69
N VAL H 113 -46.78 11.99 21.70
CA VAL H 113 -46.90 13.44 21.79
C VAL H 113 -47.69 14.04 20.64
N ALA H 114 -47.66 13.42 19.46
CA ALA H 114 -48.30 13.95 18.27
C ALA H 114 -49.77 13.57 18.16
N SER H 115 -50.28 12.76 19.08
CA SER H 115 -51.66 12.31 19.03
C SER H 115 -52.55 12.99 20.07
N SER H 133 -35.41 27.90 14.35
CA SER H 133 -34.60 28.81 15.14
C SER H 133 -33.09 28.51 15.11
N PRO H 134 -32.67 27.26 15.36
CA PRO H 134 -31.22 26.99 15.44
C PRO H 134 -30.46 27.38 14.18
N GLY H 135 -31.13 27.59 13.07
CA GLY H 135 -30.50 28.07 11.85
C GLY H 135 -30.69 29.53 11.51
N ILE H 136 -31.10 30.37 12.47
CA ILE H 136 -31.40 31.77 12.20
C ILE H 136 -30.24 32.62 12.71
N TRP H 137 -29.68 33.46 11.83
CA TRP H 137 -28.60 34.36 12.19
C TRP H 137 -29.01 35.80 11.93
N GLN H 138 -28.53 36.70 12.76
CA GLN H 138 -28.76 38.13 12.61
C GLN H 138 -27.47 38.81 12.20
N LEU H 139 -27.46 39.43 11.02
CA LEU H 139 -26.33 40.22 10.54
C LEU H 139 -26.58 41.69 10.79
N ASP H 140 -25.49 42.44 10.90
CA ASP H 140 -25.52 43.90 11.02
C ASP H 140 -24.10 44.40 11.05
N CYS H 141 -23.83 45.43 10.24
CA CYS H 141 -22.55 46.13 10.20
C CYS H 141 -22.53 47.16 11.32
N THR H 142 -21.38 47.29 11.99
CA THR H 142 -21.15 48.31 13.01
C THR H 142 -19.82 49.00 12.78
N HIS H 143 -19.65 50.16 13.39
CA HIS H 143 -18.51 51.02 13.08
C HIS H 143 -17.69 51.29 14.31
N LEU H 144 -16.39 51.50 14.08
CA LEU H 144 -15.40 51.63 15.15
C LEU H 144 -14.08 52.06 14.52
N GLU H 145 -13.42 53.04 15.15
CA GLU H 145 -12.14 53.58 14.69
C GLU H 145 -12.12 53.78 13.18
N GLY H 146 -13.24 54.23 12.64
CA GLY H 146 -13.34 54.44 11.21
C GLY H 146 -13.55 53.20 10.38
N LYS H 147 -13.40 52.01 10.96
CA LYS H 147 -13.57 50.78 10.22
C LYS H 147 -14.94 50.19 10.49
N VAL H 148 -15.38 49.35 9.56
CA VAL H 148 -16.66 48.67 9.64
C VAL H 148 -16.44 47.24 10.14
N ILE H 149 -17.18 46.86 11.18
CA ILE H 149 -17.16 45.52 11.75
C ILE H 149 -18.47 44.83 11.42
N LEU H 150 -18.41 43.87 10.50
CA LEU H 150 -19.58 43.06 10.15
C LEU H 150 -19.75 41.94 11.17
N VAL H 151 -20.91 41.91 11.83
CA VAL H 151 -21.16 41.02 12.97
C VAL H 151 -22.36 40.13 12.68
N ALA H 152 -22.19 38.82 12.86
CA ALA H 152 -23.26 37.84 12.72
C ALA H 152 -23.55 37.24 14.09
N VAL H 153 -24.82 37.10 14.43
CA VAL H 153 -25.25 36.58 15.72
C VAL H 153 -26.20 35.42 15.49
N HIS H 154 -25.87 34.27 16.06
CA HIS H 154 -26.78 33.14 16.15
C HIS H 154 -27.72 33.41 17.31
N VAL H 155 -28.98 33.70 17.01
CA VAL H 155 -29.84 34.35 17.99
C VAL H 155 -30.17 33.40 19.14
N ALA H 156 -30.25 32.10 18.83
CA ALA H 156 -30.63 31.12 19.84
C ALA H 156 -29.56 30.90 20.90
N SER H 157 -28.31 31.19 20.58
CA SER H 157 -27.23 30.92 21.50
C SER H 157 -26.50 32.16 21.98
N GLY H 158 -26.50 33.24 21.21
CA GLY H 158 -25.69 34.39 21.50
C GLY H 158 -24.27 34.31 21.01
N TYR H 159 -23.99 33.44 20.04
CA TYR H 159 -22.65 33.19 19.56
C TYR H 159 -22.34 34.10 18.38
N ILE H 160 -21.14 34.66 18.37
CA ILE H 160 -20.78 35.77 17.49
C ILE H 160 -19.74 35.32 16.48
N GLU H 161 -19.88 35.89 15.29
CA GLU H 161 -18.90 35.78 14.24
C GLU H 161 -18.75 37.25 13.82
N ALA H 162 -17.61 37.88 14.10
CA ALA H 162 -17.40 39.25 13.69
C ALA H 162 -16.03 39.40 13.05
N GLU H 163 -15.92 40.38 12.14
CA GLU H 163 -14.63 40.70 11.56
C GLU H 163 -14.68 42.08 10.93
N VAL H 164 -13.49 42.68 10.81
CA VAL H 164 -13.30 43.91 10.04
C VAL H 164 -13.33 43.57 8.56
N ILE H 165 -14.15 44.28 7.80
CA ILE H 165 -14.12 44.22 6.35
C ILE H 165 -13.54 45.53 5.81
N PRO H 166 -12.96 45.49 4.61
CA PRO H 166 -12.37 46.68 3.97
C PRO H 166 -13.39 47.75 3.66
N ALA H 167 -14.55 47.36 3.14
CA ALA H 167 -15.61 48.30 2.81
C ALA H 167 -17.00 47.68 2.92
N GLU H 168 -18.00 48.53 3.12
CA GLU H 168 -19.38 48.05 3.22
C GLU H 168 -20.04 47.91 1.85
N THR H 169 -19.62 46.90 1.10
CA THR H 169 -20.18 46.63 -0.21
C THR H 169 -20.88 45.29 -0.19
N GLY H 170 -21.60 45.02 -1.28
CA GLY H 170 -22.27 43.73 -1.41
C GLY H 170 -21.30 42.57 -1.45
N GLN H 171 -20.18 42.74 -2.16
CA GLN H 171 -19.27 41.61 -2.35
C GLN H 171 -18.69 41.13 -1.04
N GLU H 172 -18.29 42.09 -0.19
CA GLU H 172 -17.70 41.81 1.12
C GLU H 172 -18.69 41.10 2.06
N THR H 173 -19.93 41.57 2.08
CA THR H 173 -21.00 40.94 2.86
C THR H 173 -21.30 39.55 2.34
N ALA H 174 -21.33 39.38 1.02
CA ALA H 174 -21.61 38.08 0.44
C ALA H 174 -20.50 37.07 0.74
N TYR H 175 -19.25 37.54 0.74
CA TYR H 175 -18.14 36.65 1.07
C TYR H 175 -18.19 36.25 2.54
N PHE H 176 -18.50 37.20 3.41
CA PHE H 176 -18.72 36.90 4.82
C PHE H 176 -19.83 35.87 5.00
N LEU H 177 -20.87 35.97 4.16
CA LEU H 177 -22.00 35.05 4.27
C LEU H 177 -21.63 33.65 3.79
N LEU H 178 -20.95 33.55 2.65
CA LEU H 178 -20.44 32.26 2.21
C LEU H 178 -19.56 31.61 3.26
N LYS H 179 -18.68 32.39 3.90
CA LYS H 179 -17.84 31.84 4.95
C LYS H 179 -18.67 31.32 6.11
N LEU H 180 -19.62 32.13 6.58
CA LEU H 180 -20.47 31.74 7.70
C LEU H 180 -21.23 30.46 7.38
N ALA H 181 -21.80 30.38 6.18
CA ALA H 181 -22.61 29.23 5.81
C ALA H 181 -21.77 27.98 5.64
N GLY H 182 -20.53 28.12 5.17
CA GLY H 182 -19.66 26.97 5.08
C GLY H 182 -19.14 26.52 6.42
N ARG H 183 -19.22 27.38 7.44
CA ARG H 183 -18.76 27.04 8.77
C ARG H 183 -19.87 26.54 9.69
N TRP H 184 -21.12 26.89 9.43
CA TRP H 184 -22.23 26.58 10.31
C TRP H 184 -23.46 26.28 9.49
N PRO H 185 -24.43 25.59 10.06
CA PRO H 185 -25.71 25.46 9.35
C PRO H 185 -26.49 26.77 9.43
N VAL H 186 -26.61 27.45 8.29
CA VAL H 186 -27.31 28.73 8.20
C VAL H 186 -28.51 28.55 7.29
N LYS H 187 -29.70 28.62 7.86
CA LYS H 187 -30.92 28.56 7.08
C LYS H 187 -31.50 29.92 6.77
N THR H 188 -31.41 30.87 7.69
CA THR H 188 -32.04 32.17 7.55
C THR H 188 -31.15 33.26 8.14
N VAL H 189 -31.11 34.41 7.47
CA VAL H 189 -30.34 35.57 7.92
C VAL H 189 -31.27 36.76 8.06
N HIS H 190 -31.10 37.53 9.13
CA HIS H 190 -31.93 38.69 9.41
C HIS H 190 -31.10 39.96 9.30
N THR H 191 -31.30 40.69 8.21
CA THR H 191 -30.52 41.88 7.88
C THR H 191 -31.39 43.12 8.04
N ASP H 192 -30.82 44.30 7.74
CA ASP H 192 -31.49 45.58 8.02
C ASP H 192 -31.64 46.45 6.78
N ASN H 193 -31.95 45.85 5.63
CA ASN H 193 -32.32 46.57 4.41
C ASN H 193 -31.23 47.50 3.90
N GLY H 194 -30.08 47.55 4.55
CA GLY H 194 -28.95 48.32 4.07
C GLY H 194 -28.53 47.92 2.66
N SER H 195 -27.79 48.80 1.99
CA SER H 195 -27.46 48.56 0.58
C SER H 195 -26.66 47.28 0.41
N ASN H 196 -25.66 47.05 1.25
CA ASN H 196 -24.87 45.83 1.16
C ASN H 196 -25.74 44.60 1.37
N PHE H 197 -26.70 44.68 2.29
CA PHE H 197 -27.53 43.52 2.60
C PHE H 197 -28.62 43.25 1.59
N THR H 198 -28.68 44.00 0.49
CA THR H 198 -29.73 43.82 -0.49
C THR H 198 -29.19 43.68 -1.90
N SER H 199 -27.88 43.69 -2.07
CA SER H 199 -27.25 43.67 -3.37
C SER H 199 -27.53 42.36 -4.09
N THR H 200 -27.35 42.39 -5.42
CA THR H 200 -27.57 41.21 -6.23
C THR H 200 -26.56 40.11 -5.90
N THR H 201 -25.37 40.50 -5.46
CA THR H 201 -24.35 39.51 -5.15
C THR H 201 -24.63 38.80 -3.83
N VAL H 202 -25.12 39.52 -2.81
CA VAL H 202 -25.48 38.88 -1.55
C VAL H 202 -26.66 37.94 -1.77
N LYS H 203 -27.62 38.37 -2.58
CA LYS H 203 -28.76 37.52 -2.90
C LYS H 203 -28.33 36.28 -3.67
N ALA H 204 -27.41 36.42 -4.63
CA ALA H 204 -26.93 35.26 -5.37
C ALA H 204 -26.16 34.30 -4.46
N ALA H 205 -25.44 34.83 -3.49
CA ALA H 205 -24.73 33.98 -2.55
C ALA H 205 -25.69 33.25 -1.62
N CYS H 206 -26.75 33.92 -1.19
CA CYS H 206 -27.77 33.26 -0.39
C CYS H 206 -28.52 32.23 -1.20
N TRP H 207 -28.65 32.46 -2.51
CA TRP H 207 -29.25 31.46 -3.37
C TRP H 207 -28.36 30.25 -3.52
N TRP H 208 -27.04 30.47 -3.66
CA TRP H 208 -26.12 29.34 -3.78
C TRP H 208 -26.06 28.53 -2.49
N ALA H 209 -25.92 29.21 -1.35
CA ALA H 209 -25.85 28.54 -0.06
C ALA H 209 -27.20 28.01 0.43
N GLY H 210 -28.30 28.36 -0.24
CA GLY H 210 -29.61 27.98 0.24
C GLY H 210 -29.98 28.67 1.54
N ILE H 211 -29.72 29.97 1.63
CA ILE H 211 -30.06 30.79 2.77
C ILE H 211 -31.28 31.63 2.43
N LYS H 212 -32.23 31.70 3.34
CA LYS H 212 -33.36 32.60 3.21
C LYS H 212 -33.00 33.95 3.82
N GLN H 213 -33.40 35.03 3.16
CA GLN H 213 -33.17 36.38 3.64
C GLN H 213 -34.49 36.98 4.09
N LYS H 214 -34.51 37.53 5.30
CA LYS H 214 -35.64 38.30 5.82
C LYS H 214 -35.15 39.69 6.22
N PHE H 215 -35.76 40.71 5.63
CA PHE H 215 -35.39 42.09 5.90
C PHE H 215 -36.35 42.75 6.88
N GLY H 225 -33.31 43.72 17.88
CA GLY H 225 -32.91 44.20 19.19
C GLY H 225 -31.71 43.49 19.76
N VAL H 226 -31.67 42.17 19.61
CA VAL H 226 -30.55 41.38 20.15
C VAL H 226 -29.25 41.78 19.46
N ILE H 227 -29.30 42.05 18.15
CA ILE H 227 -28.10 42.46 17.44
C ILE H 227 -27.50 43.71 18.06
N GLU H 228 -28.33 44.66 18.50
CA GLU H 228 -27.80 45.90 19.07
C GLU H 228 -27.10 45.66 20.40
N SER H 229 -27.74 44.90 21.29
CA SER H 229 -27.14 44.64 22.59
C SER H 229 -25.86 43.83 22.45
N MET H 230 -25.86 42.87 21.53
CA MET H 230 -24.66 42.11 21.29
C MET H 230 -23.55 42.97 20.73
N ASN H 231 -23.89 43.94 19.87
CA ASN H 231 -22.88 44.88 19.40
C ASN H 231 -22.33 45.70 20.56
N LYS H 232 -23.19 46.06 21.52
CA LYS H 232 -22.70 46.81 22.67
C LYS H 232 -21.71 45.97 23.48
N GLU H 233 -22.05 44.70 23.72
CA GLU H 233 -21.14 43.80 24.42
C GLU H 233 -19.83 43.64 23.67
N LEU H 234 -19.91 43.51 22.35
CA LEU H 234 -18.71 43.36 21.54
C LEU H 234 -17.83 44.59 21.63
N LYS H 235 -18.42 45.79 21.58
CA LYS H 235 -17.63 47.00 21.67
C LYS H 235 -17.04 47.15 23.06
N LYS H 236 -17.74 46.67 24.09
CA LYS H 236 -17.17 46.70 25.43
C LYS H 236 -15.93 45.81 25.53
N ILE H 237 -16.01 44.59 25.01
CA ILE H 237 -14.84 43.71 25.04
C ILE H 237 -13.73 44.28 24.16
N ILE H 238 -14.08 44.80 22.98
CA ILE H 238 -13.10 45.41 22.09
C ILE H 238 -12.37 46.53 22.81
N GLY H 239 -13.08 47.29 23.63
CA GLY H 239 -12.42 48.32 24.42
C GLY H 239 -11.52 47.75 25.48
N GLN H 240 -11.94 46.66 26.12
CA GLN H 240 -11.10 46.05 27.14
C GLN H 240 -9.81 45.50 26.58
N VAL H 241 -9.79 45.10 25.30
CA VAL H 241 -8.62 44.42 24.77
C VAL H 241 -7.99 45.16 23.59
N ARG H 242 -8.41 46.40 23.32
CA ARG H 242 -7.80 47.15 22.22
C ARG H 242 -6.31 47.38 22.44
N ASP H 243 -5.86 47.42 23.69
CA ASP H 243 -4.47 47.72 23.98
C ASP H 243 -3.56 46.51 23.82
N GLN H 244 -4.11 45.31 23.83
CA GLN H 244 -3.34 44.09 23.68
C GLN H 244 -3.01 43.78 22.23
N ALA H 245 -3.35 44.68 21.31
CA ALA H 245 -3.17 44.44 19.89
C ALA H 245 -2.88 45.77 19.21
N GLU H 246 -2.37 45.69 17.98
CA GLU H 246 -2.09 46.90 17.23
C GLU H 246 -3.21 47.24 16.26
N HIS H 247 -3.63 46.29 15.44
CA HIS H 247 -4.65 46.51 14.44
C HIS H 247 -6.01 46.17 15.03
N LEU H 248 -7.05 46.84 14.53
CA LEU H 248 -8.38 46.65 15.09
C LEU H 248 -8.94 45.29 14.73
N LYS H 249 -8.48 44.69 13.63
CA LYS H 249 -8.96 43.36 13.26
C LYS H 249 -8.53 42.31 14.28
N THR H 250 -7.29 42.38 14.75
CA THR H 250 -6.84 41.46 15.77
C THR H 250 -7.65 41.62 17.04
N ALA H 251 -7.89 42.86 17.45
CA ALA H 251 -8.69 43.10 18.66
C ALA H 251 -10.11 42.61 18.49
N VAL H 252 -10.68 42.75 17.29
CA VAL H 252 -12.03 42.26 17.05
C VAL H 252 -12.07 40.74 17.21
N GLN H 253 -11.08 40.04 16.66
CA GLN H 253 -11.06 38.59 16.83
C GLN H 253 -10.79 38.19 18.28
N MET H 254 -9.97 38.95 18.99
CA MET H 254 -9.75 38.69 20.42
C MET H 254 -11.05 38.83 21.20
N ALA H 255 -11.83 39.86 20.87
CA ALA H 255 -13.10 40.09 21.55
C ALA H 255 -14.09 38.99 21.22
N VAL H 256 -14.10 38.55 19.97
CA VAL H 256 -14.99 37.45 19.59
C VAL H 256 -14.64 36.20 20.38
N PHE H 257 -13.35 35.94 20.54
CA PHE H 257 -12.91 34.80 21.33
C PHE H 257 -13.38 34.91 22.77
N ILE H 258 -13.19 36.09 23.37
CA ILE H 258 -13.59 36.30 24.77
C ILE H 258 -15.10 36.14 24.91
N HIS H 259 -15.86 36.62 23.94
CA HIS H 259 -17.32 36.53 24.04
C HIS H 259 -17.80 35.09 23.86
N ASN H 260 -17.14 34.33 22.99
CA ASN H 260 -17.66 33.02 22.67
C ASN H 260 -17.22 31.97 23.68
N PHE H 261 -16.08 32.15 24.34
CA PHE H 261 -15.55 31.09 25.17
C PHE H 261 -15.13 31.52 26.57
N LYS H 262 -15.05 32.81 26.84
CA LYS H 262 -14.58 33.29 28.15
C LYS H 262 -15.67 34.00 28.92
N ARG H 263 -16.87 34.10 28.38
CA ARG H 263 -17.98 34.75 29.05
C ARG H 263 -19.05 33.72 29.35
N LYS H 264 -19.03 33.17 30.56
CA LYS H 264 -20.01 32.20 30.98
C LYS H 264 -21.16 32.92 31.66
N GLY H 265 -22.36 32.69 31.16
CA GLY H 265 -23.54 33.28 31.74
C GLY H 265 -24.75 32.41 31.51
N GLY H 266 -25.94 32.99 31.55
CA GLY H 266 -27.14 32.22 31.36
C GLY H 266 -27.41 31.28 32.52
N ILE H 267 -28.44 30.45 32.34
CA ILE H 267 -28.87 29.55 33.40
C ILE H 267 -27.74 28.62 33.81
N GLY H 268 -27.37 27.72 32.90
CA GLY H 268 -26.41 26.68 33.19
C GLY H 268 -24.96 27.10 33.16
N GLY H 269 -24.67 28.40 33.21
CA GLY H 269 -23.30 28.86 33.31
C GLY H 269 -22.44 28.43 32.13
N TYR H 270 -22.97 28.48 30.94
CA TYR H 270 -22.24 28.06 29.76
C TYR H 270 -21.76 29.26 28.97
N SER H 271 -20.83 28.99 28.07
CA SER H 271 -20.42 30.00 27.10
C SER H 271 -21.33 29.90 25.87
N ALA H 272 -21.24 30.91 25.01
CA ALA H 272 -21.99 30.88 23.78
C ALA H 272 -21.57 29.71 22.90
N GLY H 273 -20.30 29.29 22.98
CA GLY H 273 -19.85 28.17 22.16
C GLY H 273 -20.46 26.86 22.58
N GLU H 274 -20.45 26.57 23.88
CA GLU H 274 -21.12 25.39 24.39
C GLU H 274 -22.60 25.40 24.04
N ARG H 275 -23.24 26.55 24.18
CA ARG H 275 -24.67 26.66 23.87
C ARG H 275 -24.94 26.38 22.40
N ILE H 276 -24.13 26.97 21.51
CA ILE H 276 -24.40 26.79 20.09
C ILE H 276 -24.15 25.35 19.68
N VAL H 277 -23.15 24.70 20.28
CA VAL H 277 -22.90 23.30 20.00
C VAL H 277 -24.07 22.43 20.47
N ASP H 278 -24.56 22.68 21.68
CA ASP H 278 -25.75 21.97 22.16
C ASP H 278 -26.95 22.18 21.24
N ILE H 279 -27.21 23.43 20.86
CA ILE H 279 -28.40 23.73 20.05
C ILE H 279 -28.30 23.06 18.68
N ILE H 280 -27.10 23.08 18.08
CA ILE H 280 -26.95 22.47 16.76
C ILE H 280 -27.02 20.95 16.87
N ALA H 281 -26.52 20.38 17.97
CA ALA H 281 -26.67 18.94 18.18
C ALA H 281 -28.13 18.55 18.31
N THR H 282 -28.90 19.35 19.06
CA THR H 282 -30.33 19.11 19.16
C THR H 282 -30.97 19.18 17.78
N ASP H 283 -30.57 20.15 16.96
CA ASP H 283 -31.17 20.29 15.64
C ASP H 283 -30.82 19.11 14.74
N ILE H 284 -29.60 18.57 14.86
CA ILE H 284 -29.25 17.39 14.09
C ILE H 284 -30.11 16.21 14.51
N GLN H 285 -30.30 16.03 15.81
CA GLN H 285 -31.23 15.01 16.30
C GLN H 285 -32.62 15.19 15.71
N THR H 286 -33.08 16.44 15.63
CA THR H 286 -34.40 16.74 15.08
C THR H 286 -34.49 16.34 13.61
N LYS H 287 -33.47 16.69 12.84
CA LYS H 287 -33.43 16.36 11.42
C LYS H 287 -33.41 14.86 11.20
N GLU H 288 -32.67 14.14 12.04
CA GLU H 288 -32.56 12.69 11.91
C GLU H 288 -33.89 12.01 12.26
N LEU H 289 -34.55 12.48 13.32
CA LEU H 289 -35.86 11.96 13.66
C LEU H 289 -36.87 12.24 12.55
N GLN H 290 -36.78 13.41 11.92
CA GLN H 290 -37.70 13.71 10.83
C GLN H 290 -37.44 12.81 9.63
N LYS H 291 -36.18 12.49 9.36
CA LYS H 291 -35.87 11.58 8.28
C LYS H 291 -36.41 10.20 8.55
N GLN H 292 -36.26 9.72 9.79
CA GLN H 292 -36.85 8.43 10.16
C GLN H 292 -38.35 8.42 9.97
N ILE H 293 -39.03 9.46 10.44
CA ILE H 293 -40.48 9.54 10.30
C ILE H 293 -40.87 9.55 8.83
N THR H 294 -40.14 10.29 8.00
CA THR H 294 -40.48 10.37 6.58
C THR H 294 -40.28 9.03 5.90
N LYS H 295 -39.17 8.35 6.19
CA LYS H 295 -39.00 6.96 5.76
C LYS H 295 -40.22 6.12 6.11
N ILE H 296 -40.57 6.02 7.39
CA ILE H 296 -41.59 5.06 7.81
C ILE H 296 -43.00 5.44 7.37
N GLN H 297 -43.27 6.72 7.14
CA GLN H 297 -44.62 7.19 6.84
C GLN H 297 -45.16 6.69 5.50
N ASN H 298 -44.36 5.98 4.72
CA ASN H 298 -44.83 5.48 3.43
C ASN H 298 -45.28 4.03 3.48
N PHE H 299 -45.21 3.38 4.64
CA PHE H 299 -45.54 1.97 4.76
C PHE H 299 -46.97 1.77 5.26
N ARG H 300 -47.54 0.63 4.90
CA ARG H 300 -48.86 0.22 5.35
C ARG H 300 -48.77 -1.20 5.92
N VAL H 301 -49.45 -1.42 7.04
CA VAL H 301 -49.30 -2.66 7.80
C VAL H 301 -50.65 -3.34 7.93
N TYR H 302 -50.61 -4.67 7.94
CA TYR H 302 -51.76 -5.52 8.18
C TYR H 302 -51.36 -6.60 9.17
N TYR H 303 -52.09 -6.70 10.27
CA TYR H 303 -51.67 -7.53 11.40
C TYR H 303 -52.80 -8.44 11.85
N ARG H 304 -52.42 -9.56 12.47
CA ARG H 304 -53.34 -10.59 12.93
C ARG H 304 -54.29 -11.04 11.83
N TRP H 311 -56.75 -10.75 9.24
CA TRP H 311 -55.99 -9.54 8.96
C TRP H 311 -56.84 -8.30 9.15
N LYS H 312 -56.43 -7.44 10.08
CA LYS H 312 -57.17 -6.23 10.40
C LYS H 312 -56.99 -5.21 9.27
N GLY H 313 -57.45 -3.98 9.50
CA GLY H 313 -57.37 -2.96 8.51
C GLY H 313 -55.96 -2.41 8.34
N PRO H 314 -55.82 -1.40 7.49
CA PRO H 314 -54.50 -0.79 7.27
C PRO H 314 -54.08 0.01 8.50
N ALA H 315 -52.87 -0.25 8.97
CA ALA H 315 -52.32 0.42 10.14
C ALA H 315 -51.02 1.13 9.78
N LYS H 316 -50.67 2.12 10.58
CA LYS H 316 -49.50 2.94 10.32
C LYS H 316 -48.30 2.41 11.10
N LEU H 317 -47.17 2.27 10.40
CA LEU H 317 -45.96 1.73 10.99
C LEU H 317 -45.22 2.80 11.79
N LEU H 318 -44.70 2.41 12.95
CA LEU H 318 -43.95 3.31 13.82
C LEU H 318 -42.53 2.82 14.09
N TRP H 319 -42.29 1.53 14.01
CA TRP H 319 -40.98 0.97 14.32
C TRP H 319 -40.96 -0.49 13.90
N LYS H 320 -39.82 -0.92 13.39
CA LYS H 320 -39.62 -2.31 12.99
C LYS H 320 -38.43 -2.84 13.78
N GLY H 321 -38.62 -2.98 15.09
CA GLY H 321 -37.59 -3.47 15.97
C GLY H 321 -37.20 -4.91 15.65
N GLU H 322 -36.27 -5.41 16.45
CA GLU H 322 -35.74 -6.76 16.26
C GLU H 322 -36.58 -7.83 16.93
N GLY H 323 -37.44 -7.45 17.88
CA GLY H 323 -38.27 -8.43 18.55
C GLY H 323 -39.74 -8.12 18.48
N ALA H 324 -40.08 -6.92 18.00
CA ALA H 324 -41.47 -6.50 17.94
C ALA H 324 -41.64 -5.53 16.78
N VAL H 325 -42.90 -5.23 16.48
CA VAL H 325 -43.28 -4.22 15.50
C VAL H 325 -44.33 -3.34 16.14
N VAL H 326 -44.06 -2.04 16.20
CA VAL H 326 -45.01 -1.08 16.74
C VAL H 326 -45.80 -0.47 15.59
N ILE H 327 -47.11 -0.38 15.75
CA ILE H 327 -47.99 0.24 14.79
C ILE H 327 -48.95 1.16 15.53
N GLN H 328 -49.82 1.81 14.77
CA GLN H 328 -50.81 2.73 15.33
C GLN H 328 -52.09 2.59 14.54
N ASP H 329 -53.13 2.06 15.19
CA ASP H 329 -54.42 1.83 14.55
C ASP H 329 -55.49 2.53 15.38
N ASN H 330 -56.34 3.31 14.71
CA ASN H 330 -57.45 4.01 15.35
C ASN H 330 -56.97 4.82 16.56
N SER H 331 -55.86 5.53 16.36
CA SER H 331 -55.24 6.36 17.40
C SER H 331 -54.82 5.53 18.61
N ASP H 332 -54.46 4.27 18.39
CA ASP H 332 -54.04 3.38 19.46
C ASP H 332 -52.75 2.68 19.06
N ILE H 333 -51.72 2.82 19.89
CA ILE H 333 -50.39 2.31 19.60
C ILE H 333 -50.31 0.88 20.11
N LYS H 334 -50.30 -0.08 19.19
CA LYS H 334 -50.37 -1.50 19.49
C LYS H 334 -49.10 -2.21 19.04
N VAL H 335 -48.50 -2.98 19.94
CA VAL H 335 -47.27 -3.71 19.68
C VAL H 335 -47.61 -5.15 19.30
N VAL H 336 -47.08 -5.61 18.17
CA VAL H 336 -47.36 -6.96 17.67
C VAL H 336 -46.06 -7.63 17.21
N PRO H 337 -45.99 -8.95 17.19
CA PRO H 337 -44.79 -9.61 16.68
C PRO H 337 -44.63 -9.41 15.18
N ARG H 338 -43.44 -9.75 14.70
CA ARG H 338 -43.11 -9.51 13.30
C ARG H 338 -43.79 -10.53 12.39
N ARG H 339 -43.86 -11.78 12.83
CA ARG H 339 -44.54 -12.81 12.06
C ARG H 339 -46.04 -12.56 11.98
N LYS H 340 -46.61 -11.92 13.00
CA LYS H 340 -48.05 -11.67 13.06
C LYS H 340 -48.47 -10.48 12.23
N ALA H 341 -47.55 -9.81 11.53
CA ALA H 341 -47.87 -8.63 10.75
C ALA H 341 -47.15 -8.69 9.40
N LYS H 342 -47.76 -8.06 8.40
CA LYS H 342 -47.23 -8.05 7.04
C LYS H 342 -47.10 -6.61 6.57
N ILE H 343 -45.86 -6.12 6.53
CA ILE H 343 -45.57 -4.75 6.10
C ILE H 343 -45.54 -4.72 4.58
N ILE H 344 -46.12 -3.67 4.00
CA ILE H 344 -46.02 -3.40 2.58
C ILE H 344 -45.69 -1.94 2.39
N ARG H 345 -45.71 -1.49 1.14
CA ARG H 345 -45.38 -0.12 0.79
C ARG H 345 -46.48 0.47 -0.09
N ASP H 346 -47.10 1.55 0.39
CA ASP H 346 -48.10 2.26 -0.38
C ASP H 346 -47.77 3.74 -0.47
N GLU I 288 -30.60 8.18 39.13
CA GLU I 288 -29.41 8.59 39.85
C GLU I 288 -28.13 8.12 39.16
N LEU I 289 -27.20 7.63 39.98
CA LEU I 289 -25.92 7.13 39.48
C LEU I 289 -26.12 6.09 38.38
N GLN I 290 -27.16 5.26 38.49
CA GLN I 290 -27.43 4.28 37.44
C GLN I 290 -27.80 4.95 36.13
N LYS I 291 -28.62 6.00 36.20
CA LYS I 291 -29.00 6.72 34.98
C LYS I 291 -27.79 7.34 34.33
N GLN I 292 -26.92 7.96 35.14
CA GLN I 292 -25.71 8.56 34.62
C GLN I 292 -24.83 7.51 33.93
N ILE I 293 -24.66 6.35 34.56
CA ILE I 293 -23.78 5.33 34.00
C ILE I 293 -24.34 4.80 32.68
N THR I 294 -25.65 4.55 32.63
CA THR I 294 -26.26 4.16 31.37
C THR I 294 -26.11 5.25 30.30
N LYS I 295 -26.16 6.52 30.71
CA LYS I 295 -25.98 7.59 29.75
C LYS I 295 -24.58 7.58 29.16
N ILE I 296 -23.56 7.53 30.02
CA ILE I 296 -22.20 7.31 29.57
C ILE I 296 -22.15 6.13 28.60
N GLN I 297 -22.89 5.08 28.91
CA GLN I 297 -22.78 3.87 28.10
C GLN I 297 -23.57 3.94 26.80
N ASN I 298 -24.35 4.99 26.58
CA ASN I 298 -24.93 5.24 25.27
C ASN I 298 -23.92 5.73 24.24
N PHE I 299 -22.84 6.38 24.65
CA PHE I 299 -21.86 6.90 23.70
C PHE I 299 -21.08 5.78 23.03
N ARG I 300 -20.65 6.02 21.80
CA ARG I 300 -19.88 5.05 21.05
C ARG I 300 -18.44 5.50 20.93
N VAL I 301 -17.53 4.55 20.76
CA VAL I 301 -16.12 4.84 20.63
C VAL I 301 -15.59 4.13 19.40
N TYR I 302 -15.02 4.91 18.49
CA TYR I 302 -14.18 4.39 17.43
C TYR I 302 -12.74 4.54 17.88
N TYR I 303 -11.93 3.54 17.62
CA TYR I 303 -10.59 3.50 18.18
C TYR I 303 -9.69 2.69 17.28
N ARG I 304 -8.39 2.90 17.44
CA ARG I 304 -7.40 2.14 16.71
C ARG I 304 -6.43 1.52 17.70
N ASP I 305 -5.83 0.41 17.29
CA ASP I 305 -4.78 -0.20 18.06
C ASP I 305 -3.42 0.25 17.54
N SER I 306 -2.41 0.12 18.39
CA SER I 306 -1.12 0.77 18.17
C SER I 306 -0.43 0.39 16.86
N ARG I 307 -0.85 -0.69 16.20
CA ARG I 307 -0.23 -1.06 14.93
C ARG I 307 -1.21 -1.32 13.80
N ASP I 308 -2.52 -1.20 14.03
CA ASP I 308 -3.51 -1.39 12.98
C ASP I 308 -4.09 -0.05 12.57
N PRO I 309 -3.98 0.38 11.32
CA PRO I 309 -4.55 1.66 10.91
C PRO I 309 -6.06 1.65 10.71
N VAL I 310 -6.71 0.49 10.63
CA VAL I 310 -8.16 0.46 10.53
C VAL I 310 -8.77 0.94 11.85
N TRP I 311 -9.75 1.82 11.74
CA TRP I 311 -10.50 2.25 12.92
C TRP I 311 -11.45 1.14 13.31
N LYS I 312 -11.30 0.64 14.53
CA LYS I 312 -12.14 -0.44 15.02
C LYS I 312 -13.55 0.09 15.29
N GLY I 313 -14.55 -0.69 14.87
CA GLY I 313 -15.92 -0.26 14.83
C GLY I 313 -16.51 0.14 16.16
N PRO I 314 -17.79 0.51 16.14
CA PRO I 314 -18.39 1.18 17.29
C PRO I 314 -18.37 0.30 18.53
N ALA I 315 -17.70 0.80 19.57
CA ALA I 315 -17.60 0.13 20.85
C ALA I 315 -18.39 0.91 21.89
N LYS I 316 -18.38 0.41 23.11
CA LYS I 316 -19.20 0.98 24.17
C LYS I 316 -18.33 1.69 25.20
N LEU I 317 -18.69 2.92 25.49
CA LEU I 317 -17.92 3.76 26.40
C LEU I 317 -18.29 3.43 27.84
N LEU I 318 -17.29 3.02 28.61
CA LEU I 318 -17.47 2.71 30.02
C LEU I 318 -16.92 3.79 30.93
N TRP I 319 -15.83 4.43 30.54
CA TRP I 319 -15.20 5.43 31.38
C TRP I 319 -14.41 6.36 30.48
N LYS I 320 -14.43 7.64 30.81
CA LYS I 320 -13.72 8.66 30.05
C LYS I 320 -12.83 9.43 31.00
N GLY I 321 -11.52 9.36 30.77
CA GLY I 321 -10.54 10.05 31.59
C GLY I 321 -9.79 11.10 30.79
N GLU I 322 -8.83 11.72 31.47
CA GLU I 322 -7.99 12.69 30.78
C GLU I 322 -7.05 12.02 29.79
N GLY I 323 -6.38 10.94 30.21
CA GLY I 323 -5.40 10.31 29.36
C GLY I 323 -5.88 9.08 28.62
N ALA I 324 -6.98 8.49 29.05
CA ALA I 324 -7.43 7.24 28.48
C ALA I 324 -8.93 7.10 28.66
N VAL I 325 -9.56 6.32 27.77
CA VAL I 325 -10.95 5.93 27.94
C VAL I 325 -11.01 4.41 28.01
N VAL I 326 -11.91 3.90 28.84
CA VAL I 326 -12.13 2.47 28.99
C VAL I 326 -13.35 2.10 28.17
N ILE I 327 -13.18 1.20 27.21
CA ILE I 327 -14.26 0.82 26.32
C ILE I 327 -14.62 -0.63 26.56
N GLN I 328 -15.64 -1.07 25.84
CA GLN I 328 -16.16 -2.42 25.94
C GLN I 328 -16.59 -2.83 24.53
N ASP I 329 -15.75 -3.61 23.89
CA ASP I 329 -15.91 -3.95 22.48
C ASP I 329 -16.09 -5.46 22.36
N ASN I 330 -17.32 -5.89 22.10
CA ASN I 330 -17.63 -7.31 21.87
C ASN I 330 -17.25 -8.17 23.08
N SER I 331 -17.94 -7.94 24.20
CA SER I 331 -17.68 -8.66 25.45
C SER I 331 -16.19 -8.68 25.79
N ASP I 332 -15.64 -7.48 25.99
CA ASP I 332 -14.18 -7.33 26.17
C ASP I 332 -13.94 -5.90 26.65
N ILE I 333 -13.05 -5.75 27.62
CA ILE I 333 -12.78 -4.43 28.17
C ILE I 333 -11.36 -4.02 27.84
N LYS I 334 -11.23 -3.09 26.91
CA LYS I 334 -9.95 -2.53 26.49
C LYS I 334 -9.77 -1.16 27.11
N VAL I 335 -8.51 -0.78 27.27
CA VAL I 335 -8.14 0.57 27.67
C VAL I 335 -7.42 1.23 26.50
N VAL I 336 -8.02 2.29 25.98
CA VAL I 336 -7.56 2.95 24.76
C VAL I 336 -7.07 4.35 25.13
N PRO I 337 -5.93 4.80 24.62
CA PRO I 337 -5.48 6.16 24.91
C PRO I 337 -6.36 7.17 24.18
N ARG I 338 -6.45 8.38 24.75
CA ARG I 338 -7.38 9.38 24.23
C ARG I 338 -7.06 9.75 22.78
N ARG I 339 -5.78 9.79 22.43
CA ARG I 339 -5.39 10.17 21.08
C ARG I 339 -5.72 9.13 20.03
N LYS I 340 -6.21 7.97 20.43
CA LYS I 340 -6.63 6.94 19.48
C LYS I 340 -8.13 6.75 19.46
N ALA I 341 -8.89 7.63 20.11
CA ALA I 341 -10.29 7.40 20.38
C ALA I 341 -11.15 8.55 19.86
N LYS I 342 -12.08 8.23 18.95
CA LYS I 342 -13.12 9.15 18.51
C LYS I 342 -14.43 8.77 19.18
N ILE I 343 -14.96 9.66 20.03
CA ILE I 343 -16.17 9.40 20.79
C ILE I 343 -17.31 10.23 20.21
N ILE I 344 -18.32 9.58 19.65
CA ILE I 344 -19.53 10.24 19.21
C ILE I 344 -20.74 9.60 19.89
N ARG I 345 -21.88 10.29 19.80
CA ARG I 345 -23.16 9.69 20.15
C ARG I 345 -23.86 9.04 18.96
N ASP I 346 -23.63 9.56 17.75
CA ASP I 346 -24.27 9.07 16.53
C ASP I 346 -25.78 9.27 16.58
N TYR I 347 -26.22 10.47 16.16
CA TYR I 347 -27.61 10.88 16.31
C TYR I 347 -28.54 10.08 15.41
N GLY I 348 -28.04 9.56 14.28
CA GLY I 348 -28.86 8.71 13.45
C GLY I 348 -29.31 7.46 14.16
N LYS I 349 -28.38 6.78 14.83
CA LYS I 349 -28.73 5.56 15.55
C LYS I 349 -29.55 5.86 16.79
N GLN I 350 -29.26 6.99 17.44
CA GLN I 350 -30.01 7.39 18.61
C GLN I 350 -31.47 7.63 18.24
N MET I 351 -31.69 8.25 17.08
CA MET I 351 -33.05 8.50 16.61
C MET I 351 -33.70 7.25 16.05
N ALA I 352 -32.90 6.27 15.63
CA ALA I 352 -33.48 5.04 15.13
C ALA I 352 -33.87 4.10 16.26
N GLY I 353 -33.32 4.31 17.45
CA GLY I 353 -33.62 3.48 18.60
C GLY I 353 -32.84 2.18 18.65
N ASN J 298 22.52 -1.92 25.00
CA ASN J 298 21.98 -0.72 24.38
C ASN J 298 21.54 -1.02 22.95
N PHE J 299 21.58 0.00 22.10
CA PHE J 299 21.06 -0.11 20.74
C PHE J 299 21.88 0.75 19.78
N ARG J 300 22.09 0.22 18.58
CA ARG J 300 22.62 0.98 17.46
C ARG J 300 21.44 1.46 16.62
N VAL J 301 21.45 2.73 16.23
CA VAL J 301 20.39 3.28 15.40
C VAL J 301 21.01 3.79 14.11
N TYR J 302 20.52 3.29 12.99
CA TYR J 302 20.84 3.82 11.69
C TYR J 302 19.61 4.52 11.14
N TYR J 303 19.81 5.66 10.50
CA TYR J 303 18.67 6.49 10.14
C TYR J 303 18.93 7.21 8.83
N ARG J 304 17.85 7.57 8.18
CA ARG J 304 17.84 8.54 7.10
C ARG J 304 17.05 9.76 7.56
N ASP J 305 17.70 10.91 7.59
CA ASP J 305 17.01 12.10 8.08
C ASP J 305 16.79 13.11 6.97
N SER J 306 15.73 13.90 7.15
CA SER J 306 15.65 15.28 6.64
C SER J 306 16.09 15.41 5.19
N ARG J 307 15.40 14.69 4.29
CA ARG J 307 15.50 14.78 2.85
C ARG J 307 16.81 14.24 2.28
N ASP J 308 17.85 14.03 3.09
CA ASP J 308 19.09 13.44 2.62
C ASP J 308 18.89 11.94 2.45
N PRO J 309 18.90 11.41 1.21
CA PRO J 309 18.58 10.00 1.01
C PRO J 309 19.68 9.04 1.44
N VAL J 310 20.80 9.58 1.89
CA VAL J 310 21.93 8.81 2.39
C VAL J 310 21.61 8.38 3.82
N TRP J 311 21.94 7.15 4.16
CA TRP J 311 21.69 6.65 5.50
C TRP J 311 22.89 6.88 6.40
N LYS J 312 22.65 7.43 7.57
CA LYS J 312 23.71 7.76 8.52
C LYS J 312 23.70 6.77 9.69
N GLY J 313 24.58 7.02 10.65
CA GLY J 313 24.67 6.19 11.82
C GLY J 313 25.96 5.40 11.87
N PRO J 314 26.17 4.65 12.95
CA PRO J 314 25.26 4.38 14.06
C PRO J 314 25.14 5.50 15.09
N ALA J 315 23.95 5.65 15.66
CA ALA J 315 23.68 6.62 16.71
C ALA J 315 23.16 5.91 17.94
N LYS J 316 23.12 6.64 19.05
CA LYS J 316 22.57 6.08 20.27
C LYS J 316 21.07 6.38 20.34
N LEU J 317 20.30 5.40 20.80
CA LEU J 317 18.86 5.58 20.99
C LEU J 317 18.58 6.21 22.35
N LEU J 318 17.81 7.29 22.38
CA LEU J 318 17.44 7.93 23.63
C LEU J 318 16.02 7.61 24.06
N TRP J 319 15.09 7.54 23.10
CA TRP J 319 13.68 7.35 23.38
C TRP J 319 13.06 6.62 22.20
N LYS J 320 12.13 5.73 22.48
CA LYS J 320 11.47 4.94 21.45
C LYS J 320 9.96 5.04 21.64
N GLY J 321 9.31 5.83 20.81
CA GLY J 321 7.87 5.90 20.78
C GLY J 321 7.28 5.01 19.71
N GLU J 322 5.98 5.14 19.51
CA GLU J 322 5.31 4.56 18.36
C GLU J 322 5.43 5.57 17.24
N GLY J 323 6.07 5.19 16.16
CA GLY J 323 6.21 6.07 15.02
C GLY J 323 7.48 6.90 14.97
N ALA J 324 8.14 7.15 16.08
CA ALA J 324 9.33 7.99 16.03
C ALA J 324 10.33 7.54 17.09
N VAL J 325 11.59 7.91 16.88
CA VAL J 325 12.65 7.72 17.87
C VAL J 325 13.42 9.01 18.03
N VAL J 326 14.03 9.18 19.20
CA VAL J 326 14.97 10.25 19.43
C VAL J 326 16.37 9.65 19.53
N ILE J 327 17.26 10.07 18.63
CA ILE J 327 18.60 9.53 18.56
C ILE J 327 19.61 10.62 18.94
N GLN J 328 20.79 10.17 19.30
CA GLN J 328 21.92 11.02 19.67
C GLN J 328 23.10 10.64 18.81
N ASP J 329 23.36 11.44 17.77
CA ASP J 329 24.42 11.16 16.79
C ASP J 329 25.44 12.30 16.85
N ASN J 330 26.59 12.02 17.48
CA ASN J 330 27.71 12.96 17.53
C ASN J 330 27.28 14.27 18.19
N SER J 331 26.67 14.13 19.38
CA SER J 331 26.19 15.20 20.24
C SER J 331 24.90 15.83 19.75
N ASP J 332 24.45 15.52 18.54
CA ASP J 332 23.22 16.09 17.99
C ASP J 332 22.05 15.20 18.40
N ILE J 333 21.00 15.80 18.98
CA ILE J 333 19.73 15.11 19.14
C ILE J 333 18.90 15.28 17.88
N LYS J 334 18.46 14.17 17.31
CA LYS J 334 17.59 14.17 16.15
C LYS J 334 16.31 13.44 16.53
N VAL J 335 15.24 13.77 15.82
CA VAL J 335 13.97 13.07 15.94
C VAL J 335 13.63 12.53 14.57
N VAL J 336 13.36 11.24 14.48
CA VAL J 336 13.29 10.53 13.22
C VAL J 336 12.06 9.65 13.21
N PRO J 337 11.30 9.58 12.12
CA PRO J 337 10.23 8.59 12.04
C PRO J 337 10.78 7.18 11.96
N ARG J 338 10.06 6.25 12.57
CA ARG J 338 10.52 4.87 12.61
C ARG J 338 10.55 4.25 11.21
N ARG J 339 9.79 4.81 10.26
CA ARG J 339 9.96 4.42 8.86
C ARG J 339 11.35 4.73 8.34
N LYS J 340 12.06 5.65 9.00
CA LYS J 340 13.34 6.15 8.52
C LYS J 340 14.49 5.79 9.46
N ALA J 341 14.33 4.75 10.25
CA ALA J 341 15.37 4.32 11.16
C ALA J 341 15.41 2.80 11.22
N LYS J 342 16.51 2.28 11.73
CA LYS J 342 16.63 0.87 12.05
C LYS J 342 17.34 0.72 13.37
N ILE J 343 16.67 0.08 14.33
CA ILE J 343 17.21 -0.11 15.67
C ILE J 343 17.81 -1.51 15.76
N ILE J 344 19.08 -1.59 16.15
CA ILE J 344 19.72 -2.86 16.43
C ILE J 344 20.03 -2.97 17.91
MG MG M . 13.08 5.44 -18.72
MG MG N . 12.87 4.42 -15.42
ZN ZN O . -21.28 16.11 -9.80
CAA DLU P . 11.57 10.40 -21.48
OAB DLU P . 8.90 8.61 -12.75
OAC DLU P . 12.44 7.49 -19.10
OAD DLU P . 11.53 6.02 -14.40
OAE DLU P . 12.50 5.92 -16.85
FAF DLU P . 5.82 2.56 -10.54
FAG DLU P . 10.01 4.16 -11.51
CAH DLU P . 6.27 4.83 -10.09
CAI DLU P . 7.16 5.90 -10.12
CAJ DLU P . 7.94 3.35 -11.00
CAK DLU P . 9.84 9.00 -15.37
CAL DLU P . 8.74 9.17 -20.94
CAM DLU P . 10.05 8.46 -21.57
CAN DLU P . 9.47 6.81 -10.65
CAO DLU P . 9.93 10.28 -17.79
NAP DLU P . 10.07 6.80 -12.00
OAQ DLU P . 8.66 9.38 -19.54
CAR DLU P . 9.73 7.79 -13.03
CAS DLU P . 11.66 8.19 -18.74
CAT DLU P . 6.67 3.58 -10.54
CAU DLU P . 8.80 4.40 -11.03
CAV DLU P . 8.45 5.67 -10.59
CAW DLU P . 11.64 6.97 -16.40
CAX DLU P . 10.29 7.86 -14.49
CAY DLU P . 11.21 8.15 -17.29
CAZ DLU P . 11.17 6.87 -15.04
CBA DLU P . 11.33 8.98 -20.99
CBB DLU P . 9.88 10.00 -19.11
NBC DLU P . 11.07 8.97 -19.60
NBD DLU P . 10.32 9.10 -16.77
MG MG Q . 3.24 22.87 4.25
MG MG R . 1.40 20.34 2.76
ZN ZN S . 27.69 -4.99 4.12
CAA DLU T . 8.73 24.81 3.47
OAB DLU T . 5.74 16.82 -0.25
OAC DLU T . 5.23 23.16 3.42
OAD DLU T . 2.96 19.12 1.55
OAE DLU T . 3.23 21.36 2.91
FAF DLU T . 2.37 11.63 3.28
FAG DLU T . 1.42 15.70 1.36
CAH DLU T . 3.57 12.25 1.35
CAI DLU T . 3.83 13.19 0.37
CAJ DLU T . 1.85 13.67 2.31
CAK DLU T . 6.46 19.29 0.91
CAL DLU T . 9.29 22.10 4.96
CAM DLU T . 8.25 23.27 5.34
CAN DLU T . 3.34 15.42 -0.71
CAO DLU T . 8.23 21.23 1.68
NAP DLU T . 3.48 16.73 -0.02
OAQ DLU T . 8.97 21.19 3.90
CAR DLU T . 4.78 17.39 0.17
CAS DLU T . 6.07 22.55 3.02
CAT DLU T . 2.60 12.50 2.32
CAU DLU T . 2.12 14.57 1.34
CAV DLU T . 3.09 14.36 0.35
CAW DLU T . 4.33 20.73 2.24
CAX DLU T . 5.05 18.75 0.89
CAY DLU T . 5.76 21.29 2.23
CAZ DLU T . 4.02 19.49 1.56
CBA DLU T . 7.66 23.96 4.14
CBB DLU T . 8.55 21.95 2.77
NBC DLU T . 7.29 22.87 3.32
NBD DLU T . 6.79 20.55 1.61
#